data_3DZU
#
_entry.id   3DZU
#
_cell.length_a   64.186
_cell.length_b   66.907
_cell.length_c   78.464
_cell.angle_alpha   70.950
_cell.angle_beta   82.560
_cell.angle_gamma   62.880
#
_symmetry.space_group_name_H-M   'P 1'
#
loop_
_entity.id
_entity.type
_entity.pdbx_description
1 polymer 'Retinoic acid receptor RXR-alpha'
2 polymer 'Peroxisome proliferator-activated receptor gamma'
3 polymer "DNA (5'-D(*DCP*DAP*DAP*DAP*DCP*DTP*DAP*DGP*DGP*DTP*DCP*DAP*DAP*DAP*DGP*DGP*DTP*DCP*DAP*DG)-3')"
4 polymer "DNA (5'-D(*DCP*DTP*DGP*DAP*DCP*DCP*DTP*DTP*DTP*DGP*DAP*DCP*DCP*DTP*DAP*DGP*DTP*DTP*DTP*DG)-3')"
5 polymer 'NCOA2 Peptide'
6 non-polymer 'ZINC ION'
7 non-polymer '(9cis)-retinoic acid'
8 non-polymer '2-[(2,4-DICHLOROBENZOYL)AMINO]-5-(PYRIMIDIN-2-YLOXY)BENZOIC ACID'
#
loop_
_entity_poly.entity_id
_entity_poly.type
_entity_poly.pdbx_seq_one_letter_code
_entity_poly.pdbx_strand_id
1 'polypeptide(L)'
;MAHHHHHHVDDDDKMFSTQVNSSLTSPTGRGSMAAPSLHPSLGPGIGSPGQLHSPISTLSSPINGMGPPFSVISSPMGPH
SMSVPTTPTLGFSTGSPQLSSPMNPVSSSEDIKPPLGLNGVLKVPAHPSGNMASFTKHICAICGDRSSGKHYGVYSCEGC
KGFFKRTVRKDLTYTCRDNKDCLIDKRQRNRCQYCRYQKCLAMGMKREAVQEERQRGKDRNENEVESTSSANEDMPVERI
LEAELAVEPKTETYVEANMGLNPSSPNDPVTNICQAADKQLFTLVEWAKRIPHFSELPLDDQVILLRAGWNELLIASFSH
RSIAVKDGILLATGLHVHRNSAHSAGVGAIFDRVLTELVSKMRDMQMDKTELGCLRAIVLFNPDSKGLSNPAEVEALREK
VYASLEAYCKHKYPEQPGRFAKLLLRLPALRSIGLKCLEHLFFFKLIGDTPIDTFLMEMLEAPHQMT
;
A
2 'polypeptide(L)'
;MAHHHHHHVDDDDKMYQSAIKVEPASPPYYSEKTQLYNKPHEEPSNSLMAIECRVCGDKASGFHYGVHACEGCKGFFRRT
IRLKLIYDRCDLNCRIHKKSRNKCQYCRFQKCLAVGMSHNAIRFGRMPQAEKEKLLAEISSDIDQLNPESADLRALAKHL
YDSYIKSFPLTKAKARAILTGKTTDKSPFVIYDMNSLMMGEDKIKFKHITPLQEQSKEVAIRIFQGCQFRSVEAVQEITE
YAKSIPGFVNLDLNDQVTLLKYGVHEIIYTMLASLMNKDGVLISEGQGFMTREFLKSLRKPFGDFMEPKFEFAVKFNALE
LDDSDLAIFIAVIILSGDRPGLLNVKPIEDIQDNLLQALELQLKLNHPESSQLFAKLLQKMTDLRQIVTEHVQLLQVIKK
TETDMSLHPLLQEIYKDLY
;
D
3 'polydeoxyribonucleotide' (DC)(DA)(DA)(DA)(DC)(DT)(DA)(DG)(DG)(DT)(DC)(DA)(DA)(DA)(DG)(DG)(DT)(DC)(DA)(DG) C
4 'polydeoxyribonucleotide' (DC)(DT)(DG)(DA)(DC)(DC)(DT)(DT)(DT)(DG)(DA)(DC)(DC)(DT)(DA)(DG)(DT)(DT)(DT)(DG) F
5 'polypeptide(L)' EKHKILHRLLQDS G,E
#
# COMPACT_ATOMS: atom_id res chain seq x y z
N LYS A 137 18.60 -20.43 33.26
CA LYS A 137 19.40 -21.68 33.09
C LYS A 137 19.64 -21.98 31.63
N HIS A 138 19.53 -20.97 30.78
CA HIS A 138 19.72 -21.17 29.35
C HIS A 138 20.93 -20.48 28.73
N ILE A 139 21.02 -20.59 27.41
CA ILE A 139 22.12 -20.01 26.64
C ILE A 139 21.58 -19.32 25.38
N CYS A 140 22.14 -18.16 25.03
CA CYS A 140 21.70 -17.41 23.83
C CYS A 140 21.76 -18.25 22.56
N ALA A 141 20.61 -18.46 21.94
CA ALA A 141 20.52 -19.27 20.73
C ALA A 141 21.36 -18.72 19.59
N ILE A 142 21.87 -17.50 19.78
CA ILE A 142 22.67 -16.85 18.75
C ILE A 142 24.19 -17.01 18.89
N CYS A 143 24.73 -16.73 20.07
CA CYS A 143 26.18 -16.82 20.28
C CYS A 143 26.71 -17.76 21.36
N GLY A 144 25.94 -18.02 22.41
CA GLY A 144 26.42 -18.91 23.45
C GLY A 144 26.50 -18.33 24.85
N ASP A 145 26.55 -17.01 24.96
CA ASP A 145 26.62 -16.35 26.26
C ASP A 145 25.48 -16.84 27.17
N ARG A 146 25.47 -16.37 28.41
CA ARG A 146 24.42 -16.77 29.34
C ARG A 146 23.18 -15.93 29.02
N SER A 147 22.17 -16.59 28.46
CA SER A 147 20.93 -15.90 28.13
C SER A 147 20.18 -15.55 29.41
N SER A 148 19.73 -14.32 29.50
CA SER A 148 19.00 -13.84 30.67
C SER A 148 17.51 -14.10 30.50
N GLY A 149 17.17 -15.08 29.68
CA GLY A 149 15.78 -15.42 29.46
C GLY A 149 15.39 -15.29 28.00
N LYS A 150 14.10 -15.11 27.76
CA LYS A 150 13.59 -14.97 26.39
C LYS A 150 13.51 -13.51 26.00
N HIS A 151 13.98 -13.20 24.79
CA HIS A 151 13.96 -11.84 24.27
C HIS A 151 13.49 -11.91 22.83
N TYR A 152 12.50 -11.10 22.50
CA TYR A 152 11.94 -11.05 21.16
C TYR A 152 11.75 -12.42 20.54
N GLY A 153 11.26 -13.36 21.34
CA GLY A 153 10.98 -14.69 20.83
C GLY A 153 12.02 -15.78 20.91
N VAL A 154 13.10 -15.58 21.67
CA VAL A 154 14.11 -16.64 21.80
C VAL A 154 15.03 -16.44 22.99
N TYR A 155 15.63 -17.54 23.44
CA TYR A 155 16.56 -17.49 24.55
C TYR A 155 17.80 -16.80 24.01
N SER A 156 18.25 -15.76 24.70
CA SER A 156 19.43 -15.02 24.28
C SER A 156 20.02 -14.13 25.37
N CYS A 157 21.21 -13.61 25.12
CA CYS A 157 21.94 -12.75 26.05
C CYS A 157 21.60 -11.27 25.91
N GLU A 158 21.92 -10.49 26.94
CA GLU A 158 21.65 -9.06 26.88
C GLU A 158 22.29 -8.48 25.63
N GLY A 159 23.41 -9.05 25.22
CA GLY A 159 24.07 -8.56 24.03
C GLY A 159 23.17 -8.68 22.82
N CYS A 160 23.02 -9.89 22.32
CA CYS A 160 22.17 -10.10 21.16
C CYS A 160 20.81 -9.41 21.30
N LYS A 161 20.20 -9.48 22.47
CA LYS A 161 18.92 -8.81 22.69
C LYS A 161 19.06 -7.35 22.23
N GLY A 162 19.90 -6.60 22.93
CA GLY A 162 20.11 -5.20 22.62
C GLY A 162 20.60 -4.87 21.21
N PHE A 163 21.35 -5.77 20.59
CA PHE A 163 21.84 -5.55 19.24
C PHE A 163 20.66 -5.60 18.26
N PHE A 164 19.84 -6.63 18.41
CA PHE A 164 18.68 -6.82 17.56
C PHE A 164 17.73 -5.63 17.68
N LYS A 165 17.65 -5.11 18.89
CA LYS A 165 16.78 -3.99 19.21
C LYS A 165 17.11 -2.69 18.45
N ARG A 166 18.38 -2.28 18.49
CA ARG A 166 18.79 -1.03 17.83
C ARG A 166 18.72 -1.14 16.30
N THR A 167 19.08 -2.31 15.79
CA THR A 167 19.05 -2.56 14.37
C THR A 167 17.63 -2.33 13.88
N VAL A 168 16.68 -2.74 14.71
CA VAL A 168 15.29 -2.59 14.36
C VAL A 168 14.85 -1.17 14.59
N ARG A 169 15.03 -0.67 15.79
CA ARG A 169 14.60 0.69 16.07
C ARG A 169 15.12 1.68 15.03
N LYS A 170 16.44 1.74 14.87
CA LYS A 170 17.08 2.66 13.93
C LYS A 170 16.97 2.31 12.44
N ASP A 171 16.56 1.08 12.15
CA ASP A 171 16.39 0.64 10.75
C ASP A 171 17.72 0.57 10.02
N LEU A 172 18.76 0.19 10.74
CA LEU A 172 20.07 0.07 10.15
C LEU A 172 20.02 -1.02 9.07
N THR A 173 21.03 -1.03 8.22
CA THR A 173 21.16 -2.02 7.15
C THR A 173 22.63 -2.35 7.07
N TYR A 174 22.98 -3.56 7.51
CA TYR A 174 24.36 -4.02 7.50
C TYR A 174 24.63 -4.81 6.22
N THR A 175 25.92 -5.01 5.98
CA THR A 175 26.41 -5.75 4.83
C THR A 175 27.62 -6.54 5.26
N CYS A 176 27.84 -7.68 4.63
CA CYS A 176 29.00 -8.49 5.00
C CYS A 176 30.16 -8.24 4.05
N ARG A 177 31.32 -7.97 4.62
CA ARG A 177 32.55 -7.79 3.84
C ARG A 177 32.99 -9.11 3.20
N ASP A 178 33.12 -10.14 4.03
CA ASP A 178 33.30 -11.50 3.54
C ASP A 178 31.97 -12.15 3.20
N ASN A 179 31.95 -13.48 3.18
CA ASN A 179 30.98 -14.23 2.40
C ASN A 179 29.84 -14.76 3.25
N LYS A 180 29.17 -13.86 3.98
CA LYS A 180 28.01 -14.22 4.77
C LYS A 180 28.15 -15.63 5.33
N ASP A 181 29.23 -15.89 6.04
CA ASP A 181 29.46 -17.21 6.62
C ASP A 181 30.16 -17.02 7.95
N CYS A 182 30.23 -15.77 8.40
CA CYS A 182 30.88 -15.43 9.66
C CYS A 182 30.28 -16.12 10.88
N LEU A 183 31.10 -16.89 11.59
CA LEU A 183 30.66 -17.61 12.78
C LEU A 183 30.32 -16.63 13.90
N ILE A 184 29.25 -16.91 14.62
CA ILE A 184 28.84 -16.04 15.70
C ILE A 184 29.16 -16.67 17.05
N ASP A 185 30.27 -16.22 17.62
CA ASP A 185 30.77 -16.70 18.89
C ASP A 185 30.53 -15.76 20.05
N LYS A 186 30.65 -16.33 21.25
CA LYS A 186 30.48 -15.55 22.46
C LYS A 186 31.66 -14.59 22.49
N ARG A 187 32.65 -14.84 21.62
CA ARG A 187 33.84 -14.00 21.55
C ARG A 187 33.87 -13.07 20.34
N GLN A 188 33.60 -13.61 19.16
CA GLN A 188 33.63 -12.80 17.95
C GLN A 188 32.25 -12.56 17.32
N ARG A 189 31.26 -12.26 18.16
CA ARG A 189 29.91 -12.00 17.70
C ARG A 189 29.84 -10.60 17.10
N ASN A 190 30.54 -9.66 17.71
CA ASN A 190 30.56 -8.28 17.22
C ASN A 190 31.45 -8.17 15.99
N ARG A 191 31.91 -9.34 15.53
CA ARG A 191 32.77 -9.48 14.35
C ARG A 191 32.10 -8.96 13.07
N CYS A 192 30.81 -9.21 12.92
CA CYS A 192 30.06 -8.77 11.74
C CYS A 192 28.57 -8.62 12.04
N GLN A 193 28.10 -7.39 11.96
CA GLN A 193 26.69 -7.07 12.21
C GLN A 193 25.70 -7.75 11.27
N TYR A 194 26.00 -7.76 9.98
CA TYR A 194 25.12 -8.41 9.02
C TYR A 194 24.89 -9.86 9.43
N CYS A 195 25.95 -10.65 9.44
CA CYS A 195 25.83 -12.05 9.82
C CYS A 195 25.28 -12.26 11.24
N ARG A 196 25.49 -11.28 12.12
CA ARG A 196 24.97 -11.43 13.47
C ARG A 196 23.44 -11.31 13.48
N TYR A 197 22.94 -10.20 12.95
CA TYR A 197 21.51 -9.95 12.86
C TYR A 197 20.83 -11.08 12.08
N GLN A 198 21.48 -11.57 11.03
CA GLN A 198 20.93 -12.65 10.23
C GLN A 198 20.70 -13.94 11.02
N LYS A 199 21.58 -14.19 11.98
CA LYS A 199 21.45 -15.39 12.80
C LYS A 199 20.26 -15.17 13.73
N CYS A 200 20.11 -13.94 14.21
CA CYS A 200 18.98 -13.62 15.07
C CYS A 200 17.69 -13.98 14.36
N LEU A 201 17.63 -13.65 13.07
CA LEU A 201 16.44 -13.93 12.27
C LEU A 201 16.23 -15.43 12.15
N ALA A 202 17.33 -16.17 12.04
CA ALA A 202 17.32 -17.62 11.91
C ALA A 202 16.81 -18.31 13.17
N MET A 203 17.22 -17.82 14.33
CA MET A 203 16.74 -18.41 15.57
C MET A 203 15.38 -17.79 15.85
N GLY A 204 14.83 -17.15 14.82
CA GLY A 204 13.51 -16.52 14.89
C GLY A 204 13.29 -15.36 15.84
N MET A 205 14.14 -14.34 15.78
CA MET A 205 13.97 -13.20 16.66
C MET A 205 13.01 -12.24 15.98
N LYS A 206 11.74 -12.33 16.38
CA LYS A 206 10.68 -11.51 15.81
C LYS A 206 10.90 -9.99 15.93
N ARG A 207 11.15 -9.34 14.81
CA ARG A 207 11.36 -7.91 14.76
C ARG A 207 10.10 -7.16 15.18
N GLU A 208 8.95 -7.73 14.85
CA GLU A 208 7.69 -7.09 15.21
C GLU A 208 7.42 -7.05 16.71
N ALA A 209 8.21 -7.81 17.47
CA ALA A 209 8.08 -7.87 18.91
C ALA A 209 8.75 -6.67 19.53
N VAL A 210 9.60 -5.99 18.76
CA VAL A 210 10.30 -4.79 19.22
C VAL A 210 9.31 -3.62 19.15
N GLN A 211 9.14 -2.90 20.26
CA GLN A 211 8.20 -1.79 20.30
C GLN A 211 8.75 -0.43 19.96
N GLU A 212 7.83 0.48 19.64
CA GLU A 212 8.16 1.86 19.29
C GLU A 212 8.84 2.53 20.48
N GLU A 213 9.93 3.22 20.22
CA GLU A 213 10.68 3.91 21.26
C GLU A 213 9.75 4.70 22.16
N ARG A 214 9.90 4.53 23.47
CA ARG A 214 9.05 5.24 24.43
C ARG A 214 9.54 6.67 24.67
N GLN A 215 9.11 7.59 23.82
CA GLN A 215 9.51 9.00 23.88
C GLN A 215 8.46 9.88 23.21
N ARG A 216 8.95 10.91 22.53
CA ARG A 216 8.14 11.88 21.80
C ARG A 216 6.74 12.03 22.35
N ALA A 231 -5.95 26.63 7.40
CA ALA A 231 -7.07 26.34 6.50
C ALA A 231 -6.73 25.19 5.58
N ASN A 232 -7.70 24.75 4.79
CA ASN A 232 -7.49 23.65 3.86
C ASN A 232 -6.61 24.15 2.73
N GLU A 233 -6.41 25.47 2.70
CA GLU A 233 -5.59 26.09 1.67
C GLU A 233 -4.17 26.37 2.11
N ASP A 234 -3.43 25.30 2.36
CA ASP A 234 -2.02 25.37 2.72
C ASP A 234 -1.39 25.04 1.37
N MET A 235 -2.29 24.84 0.41
CA MET A 235 -1.99 24.54 -0.99
C MET A 235 -3.14 25.21 -1.74
N PRO A 236 -3.01 26.54 -1.97
CA PRO A 236 -4.02 27.35 -2.67
C PRO A 236 -4.48 26.84 -4.02
N VAL A 237 -5.62 26.16 -4.02
CA VAL A 237 -6.21 25.63 -5.24
C VAL A 237 -6.14 26.66 -6.36
N GLU A 238 -6.33 27.93 -5.98
CA GLU A 238 -6.27 29.04 -6.91
C GLU A 238 -4.97 28.95 -7.72
N ARG A 239 -3.85 29.15 -7.02
CA ARG A 239 -2.53 29.10 -7.63
C ARG A 239 -2.37 27.94 -8.61
N ILE A 240 -2.86 26.77 -8.21
CA ILE A 240 -2.76 25.59 -9.05
C ILE A 240 -3.43 25.84 -10.39
N LEU A 241 -4.68 26.28 -10.35
CA LEU A 241 -5.43 26.55 -11.57
C LEU A 241 -4.65 27.57 -12.41
N GLU A 242 -4.11 28.57 -11.73
CA GLU A 242 -3.34 29.61 -12.39
C GLU A 242 -2.19 29.01 -13.18
N ALA A 243 -1.30 28.31 -12.49
CA ALA A 243 -0.17 27.67 -13.16
C ALA A 243 -0.69 26.80 -14.32
N GLU A 244 -1.84 26.18 -14.11
CA GLU A 244 -2.46 25.31 -15.12
C GLU A 244 -2.96 26.07 -16.34
N LEU A 245 -2.92 27.39 -16.30
CA LEU A 245 -3.35 28.18 -17.42
C LEU A 245 -2.23 28.39 -18.41
N ALA A 246 -1.03 28.68 -17.90
CA ALA A 246 0.14 28.88 -18.75
C ALA A 246 0.30 27.69 -19.71
N ASP A 268 4.25 9.89 -41.02
CA ASP A 268 5.01 9.54 -39.83
C ASP A 268 4.53 10.35 -38.64
N PRO A 269 3.69 9.74 -37.77
CA PRO A 269 3.16 10.42 -36.59
C PRO A 269 4.01 10.33 -35.33
N VAL A 270 4.81 9.26 -35.18
CA VAL A 270 5.63 9.13 -33.98
C VAL A 270 6.47 10.38 -33.82
N THR A 271 6.94 10.94 -34.93
CA THR A 271 7.73 12.16 -34.88
C THR A 271 6.81 13.30 -34.42
N ASN A 272 5.68 13.48 -35.13
CA ASN A 272 4.69 14.51 -34.79
C ASN A 272 4.61 14.61 -33.27
N ILE A 273 4.35 13.47 -32.65
CA ILE A 273 4.27 13.38 -31.21
C ILE A 273 5.52 14.02 -30.61
N CYS A 274 6.65 13.33 -30.77
CA CYS A 274 7.93 13.77 -30.22
C CYS A 274 8.25 15.25 -30.39
N GLN A 275 7.94 15.81 -31.56
CA GLN A 275 8.21 17.22 -31.78
C GLN A 275 7.41 18.04 -30.78
N ALA A 276 6.28 17.50 -30.35
CA ALA A 276 5.44 18.18 -29.39
C ALA A 276 6.05 17.99 -28.00
N ALA A 277 6.21 16.74 -27.61
CA ALA A 277 6.77 16.43 -26.30
C ALA A 277 7.88 17.40 -25.92
N ASP A 278 8.83 17.61 -26.82
CA ASP A 278 9.95 18.52 -26.59
C ASP A 278 9.44 19.94 -26.28
N LYS A 279 8.61 20.47 -27.17
CA LYS A 279 8.06 21.80 -27.00
C LYS A 279 7.46 21.92 -25.61
N GLN A 280 6.61 20.97 -25.26
CA GLN A 280 5.95 20.94 -23.96
C GLN A 280 6.86 20.57 -22.79
N LEU A 281 8.01 19.96 -23.12
CA LEU A 281 8.95 19.56 -22.09
C LEU A 281 9.55 20.78 -21.40
N PHE A 282 9.70 21.88 -22.13
CA PHE A 282 10.26 23.12 -21.57
C PHE A 282 9.16 23.83 -20.77
N THR A 283 7.96 23.85 -21.34
CA THR A 283 6.80 24.49 -20.73
C THR A 283 6.61 23.97 -19.31
N LEU A 284 6.50 22.65 -19.22
CA LEU A 284 6.31 21.97 -17.96
C LEU A 284 7.04 22.65 -16.82
N VAL A 285 8.36 22.75 -16.91
CA VAL A 285 9.17 23.38 -15.88
C VAL A 285 8.52 24.66 -15.35
N GLU A 286 7.97 25.44 -16.27
CA GLU A 286 7.32 26.69 -15.91
C GLU A 286 6.12 26.35 -15.00
N TRP A 287 5.32 25.40 -15.45
CA TRP A 287 4.14 24.92 -14.75
C TRP A 287 4.51 24.48 -13.33
N ALA A 288 5.59 23.71 -13.27
CA ALA A 288 6.10 23.17 -12.02
C ALA A 288 6.54 24.26 -11.06
N LYS A 289 7.48 25.08 -11.50
CA LYS A 289 8.00 26.17 -10.69
C LYS A 289 6.85 27.02 -10.17
N ARG A 290 5.74 27.00 -10.93
CA ARG A 290 4.53 27.75 -10.59
C ARG A 290 3.58 27.01 -9.63
N ILE A 291 4.01 25.83 -9.17
CA ILE A 291 3.19 25.08 -8.23
C ILE A 291 3.74 25.42 -6.84
N PRO A 292 2.85 25.85 -5.95
CA PRO A 292 3.21 26.22 -4.58
C PRO A 292 4.11 25.23 -3.87
N HIS A 293 5.09 25.75 -3.14
CA HIS A 293 6.05 24.97 -2.37
C HIS A 293 7.11 24.25 -3.19
N PHE A 294 6.73 23.79 -4.38
CA PHE A 294 7.66 23.07 -5.25
C PHE A 294 9.04 23.70 -5.31
N SER A 295 9.08 24.93 -5.80
CA SER A 295 10.32 25.67 -5.94
C SER A 295 11.11 25.71 -4.64
N GLU A 296 10.41 25.83 -3.52
CA GLU A 296 11.06 25.90 -2.21
C GLU A 296 11.88 24.66 -1.87
N LEU A 297 11.61 23.58 -2.59
CA LEU A 297 12.30 22.30 -2.39
C LEU A 297 13.73 22.30 -2.92
N PRO A 298 14.62 21.55 -2.26
CA PRO A 298 16.02 21.42 -2.62
C PRO A 298 16.15 21.18 -4.12
N LEU A 299 16.87 22.05 -4.81
CA LEU A 299 17.04 21.92 -6.25
C LEU A 299 17.27 20.47 -6.65
N ASP A 300 18.00 19.73 -5.82
CA ASP A 300 18.29 18.33 -6.08
C ASP A 300 16.98 17.56 -6.25
N ASP A 301 16.09 17.73 -5.28
CA ASP A 301 14.80 17.07 -5.29
C ASP A 301 13.95 17.56 -6.46
N GLN A 302 13.98 18.85 -6.74
CA GLN A 302 13.20 19.37 -7.86
C GLN A 302 13.51 18.61 -9.15
N VAL A 303 14.77 18.20 -9.30
CA VAL A 303 15.15 17.45 -10.48
C VAL A 303 14.59 16.05 -10.38
N ILE A 304 15.01 15.33 -9.33
CA ILE A 304 14.54 13.97 -9.10
C ILE A 304 13.06 13.89 -9.46
N LEU A 305 12.28 14.83 -8.91
CA LEU A 305 10.84 14.89 -9.14
C LEU A 305 10.44 15.01 -10.60
N LEU A 306 10.92 16.05 -11.28
CA LEU A 306 10.57 16.22 -12.68
C LEU A 306 11.01 15.07 -13.55
N ARG A 307 12.14 14.46 -13.20
CA ARG A 307 12.64 13.34 -13.99
C ARG A 307 11.69 12.15 -13.92
N ALA A 308 11.13 11.91 -12.75
CA ALA A 308 10.23 10.78 -12.55
C ALA A 308 8.89 10.87 -13.26
N GLY A 309 8.11 11.90 -12.97
CA GLY A 309 6.80 11.99 -13.58
C GLY A 309 6.57 12.78 -14.84
N TRP A 310 7.63 13.28 -15.48
CA TRP A 310 7.45 14.07 -16.69
C TRP A 310 6.61 13.27 -17.67
N ASN A 311 6.86 11.97 -17.70
CA ASN A 311 6.13 11.08 -18.59
C ASN A 311 4.61 11.20 -18.34
N GLU A 312 4.20 10.84 -17.12
CA GLU A 312 2.80 10.92 -16.72
C GLU A 312 2.28 12.33 -16.91
N LEU A 313 2.93 13.29 -16.26
CA LEU A 313 2.51 14.68 -16.35
C LEU A 313 2.06 15.04 -17.76
N LEU A 314 2.95 14.91 -18.73
CA LEU A 314 2.62 15.27 -20.10
C LEU A 314 1.42 14.55 -20.67
N ILE A 315 1.26 13.28 -20.32
CA ILE A 315 0.14 12.52 -20.84
C ILE A 315 -1.18 13.03 -20.28
N ALA A 316 -1.17 13.37 -18.99
CA ALA A 316 -2.36 13.87 -18.33
C ALA A 316 -2.85 15.14 -19.02
N SER A 317 -1.92 16.05 -19.30
CA SER A 317 -2.26 17.31 -19.93
C SER A 317 -2.92 17.14 -21.30
N PHE A 318 -2.18 16.60 -22.26
CA PHE A 318 -2.74 16.43 -23.60
C PHE A 318 -3.94 15.50 -23.60
N SER A 319 -3.97 14.58 -22.64
CA SER A 319 -5.07 13.64 -22.54
C SER A 319 -6.33 14.44 -22.22
N HIS A 320 -6.19 15.53 -21.48
CA HIS A 320 -7.32 16.38 -21.11
C HIS A 320 -7.71 17.25 -22.31
N ARG A 321 -6.70 17.85 -22.94
CA ARG A 321 -6.90 18.73 -24.10
C ARG A 321 -7.64 18.03 -25.24
N SER A 322 -7.63 16.70 -25.24
CA SER A 322 -8.27 15.93 -26.28
C SER A 322 -9.70 15.53 -25.94
N ILE A 323 -10.30 16.23 -25.00
CA ILE A 323 -11.67 15.88 -24.62
C ILE A 323 -12.65 16.01 -25.78
N ALA A 324 -12.55 17.12 -26.51
CA ALA A 324 -13.42 17.41 -27.64
C ALA A 324 -13.29 16.50 -28.86
N VAL A 325 -12.07 16.31 -29.34
CA VAL A 325 -11.82 15.48 -30.53
C VAL A 325 -12.53 14.13 -30.49
N LYS A 326 -12.59 13.48 -31.65
CA LYS A 326 -13.30 12.22 -31.75
C LYS A 326 -12.45 10.97 -31.55
N ASP A 327 -11.53 10.70 -32.47
CA ASP A 327 -10.69 9.52 -32.33
C ASP A 327 -9.22 9.87 -32.37
N GLY A 328 -8.83 10.90 -31.63
CA GLY A 328 -7.43 11.30 -31.63
C GLY A 328 -7.00 12.16 -30.48
N ILE A 329 -5.83 12.79 -30.64
CA ILE A 329 -5.28 13.66 -29.60
C ILE A 329 -4.70 14.95 -30.20
N LEU A 330 -4.63 16.00 -29.38
CA LEU A 330 -3.97 17.23 -29.77
C LEU A 330 -2.66 17.41 -29.00
N LEU A 331 -1.79 18.27 -29.51
CA LEU A 331 -0.40 18.31 -29.06
C LEU A 331 -0.01 19.69 -28.52
N ALA A 332 -0.95 20.62 -28.55
CA ALA A 332 -0.72 21.97 -28.05
C ALA A 332 -0.27 22.82 -29.24
N THR A 333 0.25 22.16 -30.27
CA THR A 333 0.70 22.84 -31.48
C THR A 333 -0.34 22.51 -32.56
N GLY A 334 -1.55 22.14 -32.13
CA GLY A 334 -2.67 22.05 -33.03
C GLY A 334 -2.66 21.05 -34.17
N LEU A 335 -2.19 19.84 -33.88
CA LEU A 335 -2.16 18.77 -34.88
C LEU A 335 -2.77 17.46 -34.39
N HIS A 336 -3.97 17.14 -34.85
CA HIS A 336 -4.66 15.92 -34.47
C HIS A 336 -3.79 14.69 -34.73
N VAL A 337 -4.19 13.55 -34.17
CA VAL A 337 -3.58 12.28 -34.50
C VAL A 337 -4.55 11.13 -34.28
N HIS A 338 -5.51 10.98 -35.19
CA HIS A 338 -6.54 9.94 -35.06
C HIS A 338 -6.02 8.51 -35.03
N ARG A 339 -6.90 7.60 -34.63
CA ARG A 339 -6.60 6.18 -34.50
C ARG A 339 -5.83 5.55 -35.66
N ASN A 340 -6.57 5.20 -36.70
CA ASN A 340 -6.03 4.60 -37.92
C ASN A 340 -4.62 5.11 -38.24
N SER A 341 -4.36 6.37 -37.89
CA SER A 341 -3.06 7.00 -38.14
C SER A 341 -1.96 6.46 -37.24
N ALA A 342 -2.29 6.22 -35.98
CA ALA A 342 -1.32 5.68 -35.03
C ALA A 342 -1.12 4.22 -35.36
N HIS A 343 -2.22 3.52 -35.63
CA HIS A 343 -2.15 2.10 -35.98
C HIS A 343 -1.15 1.93 -37.10
N SER A 344 -1.14 2.89 -38.01
CA SER A 344 -0.23 2.85 -39.14
C SER A 344 1.19 2.83 -38.62
N ALA A 345 1.50 3.74 -37.71
CA ALA A 345 2.83 3.83 -37.12
C ALA A 345 3.13 2.63 -36.24
N GLY A 346 2.13 1.76 -36.10
CA GLY A 346 2.29 0.56 -35.29
C GLY A 346 2.25 0.85 -33.82
N VAL A 347 1.36 1.73 -33.38
CA VAL A 347 1.22 2.09 -31.97
C VAL A 347 -0.26 2.29 -31.67
N GLY A 348 -1.10 1.76 -32.55
CA GLY A 348 -2.54 1.90 -32.39
C GLY A 348 -3.09 1.43 -31.07
N ALA A 349 -2.48 0.40 -30.49
CA ALA A 349 -2.93 -0.15 -29.21
C ALA A 349 -2.66 0.77 -28.02
N ILE A 350 -1.40 1.01 -27.71
CA ILE A 350 -1.06 1.89 -26.60
C ILE A 350 -1.90 3.15 -26.77
N PHE A 351 -2.01 3.60 -28.02
CA PHE A 351 -2.76 4.78 -28.39
C PHE A 351 -4.23 4.68 -27.97
N ASP A 352 -4.94 3.69 -28.49
CA ASP A 352 -6.34 3.51 -28.14
C ASP A 352 -6.50 3.42 -26.64
N ARG A 353 -5.52 2.80 -25.97
CA ARG A 353 -5.56 2.66 -24.52
C ARG A 353 -5.68 4.07 -23.93
N VAL A 354 -4.90 5.00 -24.48
CA VAL A 354 -4.92 6.39 -24.06
C VAL A 354 -6.32 6.94 -24.25
N LEU A 355 -6.90 6.63 -25.41
CA LEU A 355 -8.24 7.10 -25.78
C LEU A 355 -9.35 6.72 -24.78
N THR A 356 -9.39 5.45 -24.39
CA THR A 356 -10.43 4.99 -23.48
C THR A 356 -10.12 4.89 -22.00
N GLU A 357 -8.85 4.73 -21.63
CA GLU A 357 -8.54 4.63 -20.22
C GLU A 357 -8.31 6.01 -19.58
N LEU A 358 -8.23 7.03 -20.42
CA LEU A 358 -8.01 8.40 -19.95
C LEU A 358 -9.03 9.36 -20.51
N VAL A 359 -8.99 9.59 -21.81
CA VAL A 359 -9.94 10.50 -22.44
C VAL A 359 -11.38 10.05 -22.21
N SER A 360 -11.72 8.86 -22.68
CA SER A 360 -13.06 8.35 -22.48
C SER A 360 -13.51 8.62 -21.06
N LYS A 361 -12.62 8.45 -20.10
CA LYS A 361 -12.96 8.67 -18.70
C LYS A 361 -13.11 10.13 -18.34
N MET A 362 -12.04 10.90 -18.51
CA MET A 362 -12.08 12.33 -18.21
C MET A 362 -13.32 13.00 -18.77
N ARG A 363 -13.58 12.75 -20.05
CA ARG A 363 -14.73 13.34 -20.73
C ARG A 363 -16.04 12.96 -20.04
N ASP A 364 -16.36 11.67 -19.99
CA ASP A 364 -17.60 11.20 -19.36
C ASP A 364 -17.69 11.63 -17.90
N MET A 365 -16.80 12.54 -17.50
CA MET A 365 -16.75 13.01 -16.13
C MET A 365 -16.62 14.52 -16.13
N GLN A 366 -16.48 15.09 -17.32
CA GLN A 366 -16.32 16.53 -17.43
C GLN A 366 -15.26 16.90 -16.39
N MET A 367 -14.02 16.52 -16.68
CA MET A 367 -12.97 16.81 -15.74
C MET A 367 -12.59 18.26 -15.66
N ASP A 368 -12.86 18.82 -14.47
CA ASP A 368 -12.58 20.20 -14.14
C ASP A 368 -11.10 20.46 -14.36
N LYS A 369 -10.77 21.61 -14.91
CA LYS A 369 -9.38 21.96 -15.15
C LYS A 369 -8.64 21.97 -13.82
N THR A 370 -9.19 22.66 -12.82
CA THR A 370 -8.57 22.74 -11.48
C THR A 370 -8.22 21.34 -10.99
N GLU A 371 -9.17 20.41 -11.14
CA GLU A 371 -8.98 19.04 -10.73
C GLU A 371 -7.78 18.47 -11.48
N LEU A 372 -7.80 18.62 -12.80
CA LEU A 372 -6.69 18.16 -13.62
C LEU A 372 -5.44 18.88 -13.11
N GLY A 373 -5.65 20.03 -12.51
CA GLY A 373 -4.53 20.78 -11.98
C GLY A 373 -3.96 20.04 -10.79
N CYS A 374 -4.82 19.75 -9.82
CA CYS A 374 -4.39 19.04 -8.64
C CYS A 374 -3.74 17.70 -8.96
N LEU A 375 -4.43 16.88 -9.75
CA LEU A 375 -3.88 15.57 -10.12
C LEU A 375 -2.45 15.62 -10.64
N ARG A 376 -2.20 16.46 -11.64
CA ARG A 376 -0.85 16.58 -12.17
C ARG A 376 0.12 16.96 -11.03
N ALA A 377 -0.37 17.73 -10.06
CA ALA A 377 0.45 18.17 -8.94
C ALA A 377 0.77 17.01 -8.00
N ILE A 378 -0.22 16.16 -7.77
CA ILE A 378 -0.05 15.00 -6.93
C ILE A 378 0.93 14.07 -7.62
N VAL A 379 0.80 13.98 -8.93
CA VAL A 379 1.69 13.15 -9.72
C VAL A 379 3.08 13.70 -9.55
N LEU A 380 3.21 15.03 -9.60
CA LEU A 380 4.51 15.69 -9.44
C LEU A 380 5.16 15.28 -8.12
N PHE A 381 4.44 15.48 -7.02
CA PHE A 381 4.91 15.16 -5.68
C PHE A 381 4.99 13.66 -5.38
N ASN A 382 5.81 12.93 -6.12
CA ASN A 382 5.96 11.49 -5.88
C ASN A 382 7.13 11.30 -4.94
N PRO A 383 6.83 11.01 -3.66
CA PRO A 383 7.81 10.79 -2.60
C PRO A 383 8.57 9.48 -2.69
N ASP A 384 8.16 8.62 -3.60
CA ASP A 384 8.83 7.35 -3.76
C ASP A 384 10.01 7.42 -4.73
N SER A 385 10.11 8.51 -5.48
CA SER A 385 11.21 8.65 -6.44
C SER A 385 12.54 8.46 -5.70
N LYS A 386 13.40 7.60 -6.24
CA LYS A 386 14.68 7.29 -5.61
C LYS A 386 15.71 8.42 -5.69
N GLY A 387 16.23 8.80 -4.51
CA GLY A 387 17.22 9.85 -4.42
C GLY A 387 16.66 11.15 -3.88
N LEU A 388 15.89 11.06 -2.80
CA LEU A 388 15.29 12.25 -2.21
C LEU A 388 16.01 12.69 -0.94
N SER A 389 16.42 13.96 -0.90
CA SER A 389 17.09 14.48 0.27
C SER A 389 16.15 14.43 1.47
N ASN A 390 14.85 14.25 1.19
CA ASN A 390 13.85 14.16 2.25
C ASN A 390 12.48 13.79 1.71
N PRO A 391 12.16 12.49 1.69
CA PRO A 391 10.87 11.99 1.19
C PRO A 391 9.70 12.67 1.91
N ALA A 392 9.77 12.63 3.23
CA ALA A 392 8.75 13.21 4.09
C ALA A 392 8.22 14.52 3.53
N GLU A 393 9.13 15.48 3.32
CA GLU A 393 8.76 16.78 2.80
C GLU A 393 7.84 16.62 1.63
N VAL A 394 8.18 15.70 0.73
CA VAL A 394 7.37 15.48 -0.44
C VAL A 394 6.07 14.77 -0.11
N GLU A 395 6.13 13.70 0.67
CA GLU A 395 4.89 13.03 1.02
C GLU A 395 4.00 14.13 1.55
N ALA A 396 4.57 14.91 2.48
CA ALA A 396 3.85 16.02 3.09
C ALA A 396 3.16 16.87 2.04
N LEU A 397 3.95 17.42 1.12
CA LEU A 397 3.41 18.26 0.05
C LEU A 397 2.26 17.61 -0.68
N ARG A 398 2.44 16.37 -1.12
CA ARG A 398 1.38 15.68 -1.83
C ARG A 398 0.13 15.55 -0.97
N GLU A 399 0.31 15.18 0.29
CA GLU A 399 -0.83 15.03 1.19
C GLU A 399 -1.66 16.31 1.32
N LYS A 400 -1.01 17.46 1.14
CA LYS A 400 -1.73 18.72 1.20
C LYS A 400 -2.71 18.70 0.05
N VAL A 401 -2.18 18.59 -1.17
CA VAL A 401 -3.02 18.57 -2.36
C VAL A 401 -4.17 17.62 -2.19
N TYR A 402 -4.01 16.62 -1.32
CA TYR A 402 -5.09 15.68 -1.09
C TYR A 402 -6.19 16.44 -0.40
N ALA A 403 -5.78 17.32 0.51
CA ALA A 403 -6.70 18.16 1.27
C ALA A 403 -7.34 19.21 0.37
N SER A 404 -6.54 20.17 -0.07
CA SER A 404 -7.03 21.24 -0.94
C SER A 404 -7.99 20.70 -1.99
N LEU A 405 -7.62 19.59 -2.60
CA LEU A 405 -8.43 18.94 -3.63
C LEU A 405 -9.68 18.30 -3.05
N GLU A 406 -9.58 17.72 -1.85
CA GLU A 406 -10.75 17.09 -1.26
C GLU A 406 -11.75 18.18 -0.95
N ALA A 407 -11.25 19.26 -0.36
CA ALA A 407 -12.09 20.39 -0.01
C ALA A 407 -12.74 20.97 -1.28
N TYR A 408 -11.89 21.34 -2.25
CA TYR A 408 -12.37 21.90 -3.51
C TYR A 408 -13.53 21.09 -4.06
N CYS A 409 -13.50 19.79 -3.84
CA CYS A 409 -14.55 18.93 -4.34
C CYS A 409 -15.75 18.99 -3.42
N LYS A 410 -15.49 18.94 -2.12
CA LYS A 410 -16.55 18.99 -1.11
C LYS A 410 -17.46 20.16 -1.45
N HIS A 411 -16.85 21.24 -1.92
CA HIS A 411 -17.57 22.44 -2.30
C HIS A 411 -18.08 22.36 -3.74
N LYS A 412 -17.21 22.62 -4.70
CA LYS A 412 -17.59 22.61 -6.11
C LYS A 412 -18.55 21.49 -6.59
N TYR A 413 -18.65 20.39 -5.87
CA TYR A 413 -19.54 19.31 -6.33
C TYR A 413 -20.21 18.54 -5.20
N PRO A 414 -21.09 19.20 -4.44
CA PRO A 414 -21.81 18.61 -3.30
C PRO A 414 -22.77 17.47 -3.65
N GLU A 415 -23.21 17.41 -4.89
CA GLU A 415 -24.12 16.35 -5.28
C GLU A 415 -23.38 15.07 -5.66
N GLN A 416 -22.08 15.19 -5.87
CA GLN A 416 -21.26 14.04 -6.23
C GLN A 416 -20.45 13.56 -5.02
N PRO A 417 -21.03 12.64 -4.25
CA PRO A 417 -20.33 12.12 -3.07
C PRO A 417 -18.90 11.71 -3.39
N GLY A 418 -18.74 10.56 -4.01
CA GLY A 418 -17.41 10.06 -4.34
C GLY A 418 -16.78 10.61 -5.61
N ARG A 419 -16.66 11.93 -5.73
CA ARG A 419 -16.03 12.48 -6.91
C ARG A 419 -14.54 12.52 -6.67
N PHE A 420 -14.17 12.85 -5.44
CA PHE A 420 -12.77 12.91 -5.06
C PHE A 420 -12.18 11.52 -5.32
N ALA A 421 -12.91 10.50 -4.89
CA ALA A 421 -12.49 9.12 -5.10
C ALA A 421 -12.33 8.79 -6.59
N LYS A 422 -13.44 8.83 -7.33
CA LYS A 422 -13.39 8.53 -8.77
C LYS A 422 -12.43 9.43 -9.53
N LEU A 423 -11.97 10.49 -8.87
CA LEU A 423 -11.05 11.40 -9.50
C LEU A 423 -9.64 10.86 -9.29
N LEU A 424 -9.40 10.28 -8.12
CA LEU A 424 -8.09 9.70 -7.82
C LEU A 424 -7.90 8.40 -8.57
N LEU A 425 -9.00 7.67 -8.75
CA LEU A 425 -8.93 6.39 -9.45
C LEU A 425 -8.56 6.55 -10.93
N ARG A 426 -8.19 7.76 -11.31
CA ARG A 426 -7.76 8.03 -12.66
C ARG A 426 -6.27 7.72 -12.71
N LEU A 427 -5.60 7.95 -11.59
CA LEU A 427 -4.16 7.75 -11.48
C LEU A 427 -3.57 6.41 -11.91
N PRO A 428 -4.18 5.28 -11.52
CA PRO A 428 -3.62 3.99 -11.94
C PRO A 428 -3.48 3.90 -13.47
N ALA A 429 -4.59 4.12 -14.16
CA ALA A 429 -4.60 4.07 -15.62
C ALA A 429 -3.50 4.92 -16.20
N LEU A 430 -3.24 6.07 -15.59
CA LEU A 430 -2.19 6.97 -16.05
C LEU A 430 -0.80 6.36 -15.90
N ARG A 431 -0.50 5.80 -14.72
CA ARG A 431 0.81 5.21 -14.52
C ARG A 431 0.97 4.04 -15.46
N SER A 432 -0.01 3.14 -15.46
CA SER A 432 0.05 1.99 -16.35
C SER A 432 0.45 2.43 -17.77
N ILE A 433 -0.34 3.31 -18.37
CA ILE A 433 -0.04 3.80 -19.70
C ILE A 433 1.33 4.49 -19.77
N GLY A 434 1.61 5.37 -18.83
CA GLY A 434 2.89 6.05 -18.83
C GLY A 434 4.03 5.08 -18.99
N LEU A 435 4.00 3.98 -18.24
CA LEU A 435 5.04 2.96 -18.32
C LEU A 435 5.11 2.37 -19.70
N LYS A 436 3.98 1.89 -20.20
CA LYS A 436 3.96 1.30 -21.53
C LYS A 436 4.29 2.34 -22.60
N CYS A 437 4.48 3.59 -22.20
CA CYS A 437 4.82 4.63 -23.16
C CYS A 437 6.32 4.79 -23.27
N LEU A 438 7.00 4.77 -22.13
CA LEU A 438 8.45 4.88 -22.18
C LEU A 438 8.91 3.62 -22.89
N GLU A 439 8.03 2.63 -22.94
CA GLU A 439 8.35 1.38 -23.60
C GLU A 439 8.79 1.76 -25.01
N HIS A 440 7.82 2.27 -25.77
CA HIS A 440 8.02 2.69 -27.15
C HIS A 440 9.12 3.71 -27.32
N LEU A 441 9.15 4.73 -26.46
CA LEU A 441 10.18 5.76 -26.58
C LEU A 441 11.57 5.15 -26.68
N PHE A 442 12.05 4.54 -25.61
CA PHE A 442 13.37 3.92 -25.67
C PHE A 442 13.57 3.15 -26.98
N PHE A 443 12.51 2.48 -27.43
CA PHE A 443 12.58 1.70 -28.67
C PHE A 443 12.80 2.56 -29.91
N PHE A 444 11.94 3.55 -30.14
CA PHE A 444 12.08 4.42 -31.29
C PHE A 444 13.42 5.14 -31.23
N LYS A 445 13.93 5.32 -30.02
CA LYS A 445 15.20 5.98 -29.81
C LYS A 445 16.32 5.14 -30.38
N LEU A 446 16.74 4.11 -29.64
CA LEU A 446 17.82 3.23 -30.05
C LEU A 446 17.73 2.84 -31.52
N ILE A 447 16.55 2.41 -31.95
CA ILE A 447 16.34 2.05 -33.33
C ILE A 447 16.83 3.20 -34.19
N GLY A 448 16.74 4.41 -33.65
CA GLY A 448 17.15 5.59 -34.38
C GLY A 448 15.90 6.01 -35.13
N ASP A 449 14.82 5.26 -34.89
CA ASP A 449 13.53 5.50 -35.52
C ASP A 449 13.13 6.96 -35.41
N THR A 450 13.03 7.62 -36.56
CA THR A 450 12.66 9.02 -36.63
C THR A 450 13.55 9.92 -35.78
N PRO A 451 13.54 11.23 -36.07
CA PRO A 451 14.36 12.18 -35.32
C PRO A 451 13.78 12.53 -33.95
N ILE A 452 14.66 12.70 -32.97
CA ILE A 452 14.26 13.06 -31.61
C ILE A 452 15.02 14.33 -31.26
N ASP A 453 14.57 15.03 -30.23
CA ASP A 453 15.22 16.26 -29.82
C ASP A 453 16.06 16.15 -28.55
N THR A 454 16.92 17.14 -28.35
CA THR A 454 17.83 17.18 -27.22
C THR A 454 17.24 17.07 -25.82
N PHE A 455 16.16 17.79 -25.53
CA PHE A 455 15.57 17.72 -24.20
C PHE A 455 15.06 16.30 -23.94
N LEU A 456 14.34 15.74 -24.92
CA LEU A 456 13.83 14.38 -24.78
C LEU A 456 14.96 13.42 -24.45
N MET A 457 16.01 13.46 -25.26
CA MET A 457 17.16 12.61 -25.05
C MET A 457 17.67 12.74 -23.62
N GLU A 458 17.61 13.96 -23.07
CA GLU A 458 18.09 14.16 -21.71
C GLU A 458 17.28 13.36 -20.70
N MET A 459 15.97 13.36 -20.88
CA MET A 459 15.08 12.63 -19.98
C MET A 459 15.36 11.14 -20.03
N LEU A 460 15.64 10.64 -21.23
CA LEU A 460 15.91 9.23 -21.42
C LEU A 460 17.37 8.91 -21.08
N ALA B 50 -15.04 -6.53 22.79
CA ALA B 50 -16.26 -5.82 22.28
C ALA B 50 -16.18 -4.30 22.56
N ILE B 51 -16.08 -3.94 23.83
CA ILE B 51 -16.02 -2.53 24.22
C ILE B 51 -14.58 -2.00 24.24
N GLU B 52 -14.37 -0.82 23.68
CA GLU B 52 -13.03 -0.22 23.64
C GLU B 52 -12.67 0.43 24.97
N CYS B 53 -11.37 0.64 25.20
CA CYS B 53 -10.90 1.26 26.43
C CYS B 53 -10.98 2.79 26.32
N ARG B 54 -11.54 3.44 27.33
CA ARG B 54 -11.68 4.90 27.31
C ARG B 54 -10.39 5.70 27.19
N VAL B 55 -9.28 5.13 27.68
CA VAL B 55 -8.00 5.83 27.64
C VAL B 55 -7.14 5.59 26.40
N CYS B 56 -6.62 4.38 26.26
CA CYS B 56 -5.76 4.08 25.13
C CYS B 56 -6.49 3.55 23.90
N GLY B 57 -7.58 2.83 24.07
CA GLY B 57 -8.28 2.38 22.89
C GLY B 57 -8.50 0.91 22.59
N ASP B 58 -7.50 0.05 22.77
CA ASP B 58 -7.75 -1.35 22.43
C ASP B 58 -8.79 -2.02 23.34
N LYS B 59 -9.16 -3.25 23.03
CA LYS B 59 -10.15 -3.97 23.80
C LYS B 59 -9.95 -3.84 25.31
N ALA B 60 -11.04 -3.49 26.01
CA ALA B 60 -11.04 -3.31 27.45
C ALA B 60 -11.34 -4.62 28.20
N SER B 61 -10.66 -4.85 29.33
CA SER B 61 -10.87 -6.07 30.11
C SER B 61 -12.01 -5.92 31.12
N GLY B 62 -12.75 -4.84 30.99
CA GLY B 62 -13.86 -4.61 31.89
C GLY B 62 -14.00 -3.17 32.31
N PHE B 63 -14.80 -2.98 33.35
CA PHE B 63 -15.06 -1.67 33.93
C PHE B 63 -14.11 -1.64 35.13
N HIS B 64 -13.07 -0.81 35.04
CA HIS B 64 -12.11 -0.70 36.11
C HIS B 64 -12.02 0.71 36.62
N TYR B 65 -11.85 0.85 37.93
CA TYR B 65 -11.74 2.17 38.53
C TYR B 65 -12.69 3.18 37.88
N GLY B 66 -13.97 2.83 37.84
CA GLY B 66 -14.97 3.73 37.30
C GLY B 66 -14.99 3.95 35.81
N VAL B 67 -14.44 3.02 35.04
CA VAL B 67 -14.45 3.20 33.60
C VAL B 67 -13.93 1.97 32.85
N HIS B 68 -14.46 1.75 31.64
CA HIS B 68 -14.01 0.62 30.83
C HIS B 68 -12.62 0.90 30.26
N ALA B 69 -11.63 0.13 30.69
CA ALA B 69 -10.27 0.34 30.24
C ALA B 69 -9.52 -0.95 29.99
N CYS B 70 -8.41 -0.83 29.25
CA CYS B 70 -7.57 -1.97 28.92
C CYS B 70 -6.80 -2.44 30.13
N GLU B 71 -6.35 -3.70 30.09
CA GLU B 71 -5.59 -4.27 31.20
C GLU B 71 -4.38 -3.38 31.48
N GLY B 72 -3.75 -2.90 30.42
CA GLY B 72 -2.60 -2.03 30.57
C GLY B 72 -2.97 -0.75 31.27
N CYS B 73 -3.90 0.01 30.70
CA CYS B 73 -4.29 1.25 31.34
C CYS B 73 -4.72 1.03 32.79
N LYS B 74 -5.23 -0.17 33.09
CA LYS B 74 -5.64 -0.50 34.44
C LYS B 74 -4.40 -0.43 35.31
N GLY B 75 -3.53 -1.44 35.17
CA GLY B 75 -2.30 -1.50 35.94
C GLY B 75 -1.55 -0.18 36.04
N PHE B 76 -1.63 0.62 34.99
CA PHE B 76 -0.98 1.91 35.01
C PHE B 76 -1.61 2.72 36.13
N PHE B 77 -2.89 2.98 36.00
CA PHE B 77 -3.65 3.75 36.98
C PHE B 77 -3.37 3.38 38.43
N ARG B 78 -3.36 2.08 38.71
CA ARG B 78 -3.09 1.64 40.06
C ARG B 78 -1.65 1.95 40.44
N ARG B 79 -0.69 1.42 39.68
CA ARG B 79 0.72 1.67 39.97
C ARG B 79 0.96 3.15 40.25
N THR B 80 0.27 4.02 39.52
CA THR B 80 0.34 5.45 39.75
C THR B 80 0.00 5.81 41.19
N ILE B 81 -1.27 5.67 41.53
CA ILE B 81 -1.82 6.31 42.73
C ILE B 81 -1.52 5.49 43.98
N ARG B 82 -1.27 4.19 43.78
CA ARG B 82 -0.95 3.29 44.89
C ARG B 82 0.53 3.45 45.23
N LEU B 83 1.11 4.53 44.72
CA LEU B 83 2.51 4.88 44.95
C LEU B 83 2.66 6.38 44.81
N LYS B 84 1.51 7.03 44.58
CA LYS B 84 1.42 8.48 44.42
C LYS B 84 2.61 8.99 43.66
N LEU B 85 2.66 8.62 42.37
CA LEU B 85 3.77 9.01 41.53
C LEU B 85 3.59 10.36 40.85
N ILE B 86 4.72 10.95 40.49
CA ILE B 86 4.75 12.24 39.84
C ILE B 86 5.64 12.20 38.63
N TYR B 87 5.02 12.14 37.45
CA TYR B 87 5.73 12.09 36.18
C TYR B 87 6.00 13.52 35.75
N ASP B 88 7.09 13.73 35.02
CA ASP B 88 7.45 15.06 34.57
C ASP B 88 6.25 15.65 33.82
N ARG B 89 6.10 16.97 33.88
CA ARG B 89 4.98 17.65 33.21
C ARG B 89 5.10 17.48 31.69
N CYS B 90 4.24 18.18 30.94
CA CYS B 90 4.24 18.11 29.48
C CYS B 90 3.17 19.13 29.09
N ASP B 91 3.53 20.04 28.17
CA ASP B 91 2.60 21.08 27.70
C ASP B 91 1.98 20.48 26.44
N LEU B 92 2.57 19.41 25.93
CA LEU B 92 2.08 18.76 24.73
C LEU B 92 0.94 17.81 25.06
N ASN B 93 -0.24 18.11 24.54
CA ASN B 93 -1.39 17.26 24.78
C ASN B 93 -1.22 15.95 24.03
N CYS B 94 -0.18 15.19 24.40
CA CYS B 94 0.12 13.91 23.78
C CYS B 94 -1.19 13.14 23.65
N ARG B 95 -1.65 12.88 22.43
CA ARG B 95 -2.89 12.13 22.25
C ARG B 95 -2.45 10.70 22.59
N ILE B 96 -3.09 10.10 23.59
CA ILE B 96 -2.71 8.75 23.97
C ILE B 96 -3.48 7.77 23.10
N HIS B 97 -2.74 6.82 22.52
CA HIS B 97 -3.33 5.80 21.66
C HIS B 97 -2.63 4.45 21.84
N LYS B 98 -3.40 3.38 21.62
CA LYS B 98 -2.92 2.00 21.74
C LYS B 98 -1.50 1.79 21.23
N LYS B 99 -1.26 2.20 19.99
CA LYS B 99 0.05 2.06 19.38
C LYS B 99 1.12 2.74 20.22
N SER B 100 1.01 4.06 20.36
CA SER B 100 1.98 4.82 21.13
C SER B 100 1.33 5.36 22.38
N ARG B 101 1.31 4.55 23.43
CA ARG B 101 0.70 4.94 24.70
C ARG B 101 1.75 5.16 25.76
N ASN B 102 2.82 4.39 25.67
CA ASN B 102 3.89 4.49 26.65
C ASN B 102 4.91 5.54 26.28
N LYS B 103 4.51 6.45 25.40
CA LYS B 103 5.40 7.52 24.97
C LYS B 103 5.52 8.55 26.09
N CYS B 104 4.38 8.98 26.64
CA CYS B 104 4.37 9.99 27.71
C CYS B 104 3.41 9.63 28.84
N GLN B 105 3.96 9.49 30.04
CA GLN B 105 3.17 9.13 31.22
C GLN B 105 2.25 10.26 31.65
N TYR B 106 2.84 11.43 31.85
CA TYR B 106 2.09 12.60 32.29
C TYR B 106 0.77 12.75 31.53
N CYS B 107 0.75 12.36 30.27
CA CYS B 107 -0.46 12.46 29.45
C CYS B 107 -1.33 11.24 29.59
N ARG B 108 -0.71 10.07 29.73
CA ARG B 108 -1.50 8.86 29.87
C ARG B 108 -2.24 8.95 31.18
N PHE B 109 -1.59 9.50 32.19
CA PHE B 109 -2.24 9.62 33.48
C PHE B 109 -3.33 10.67 33.36
N GLN B 110 -3.05 11.74 32.62
CA GLN B 110 -4.03 12.81 32.44
C GLN B 110 -5.29 12.27 31.80
N LYS B 111 -5.17 11.65 30.64
CA LYS B 111 -6.34 11.08 29.99
C LYS B 111 -7.09 10.17 30.95
N CYS B 112 -6.34 9.43 31.77
CA CYS B 112 -6.94 8.52 32.73
C CYS B 112 -8.00 9.24 33.52
N LEU B 113 -7.57 10.27 34.23
CA LEU B 113 -8.49 11.06 35.05
C LEU B 113 -9.57 11.65 34.16
N ALA B 114 -9.17 12.27 33.05
CA ALA B 114 -10.12 12.88 32.13
C ALA B 114 -11.33 11.99 31.85
N VAL B 115 -11.11 10.71 31.55
CA VAL B 115 -12.22 9.80 31.25
C VAL B 115 -12.94 9.21 32.46
N GLY B 116 -12.45 9.48 33.66
CA GLY B 116 -13.12 8.95 34.84
C GLY B 116 -12.34 8.01 35.74
N MET B 117 -11.10 7.69 35.39
CA MET B 117 -10.31 6.80 36.24
C MET B 117 -10.35 7.34 37.67
N SER B 118 -11.02 6.61 38.56
CA SER B 118 -11.13 7.03 39.94
C SER B 118 -11.27 5.86 40.89
N HIS B 119 -10.58 5.92 42.01
CA HIS B 119 -10.64 4.86 43.00
C HIS B 119 -11.94 4.92 43.79
N ASN B 120 -12.67 6.02 43.58
CA ASN B 120 -13.94 6.27 44.24
C ASN B 120 -15.09 5.67 43.41
N ALA B 121 -14.75 4.79 42.47
CA ALA B 121 -15.75 4.19 41.60
C ALA B 121 -15.57 2.69 41.41
N ILE B 122 -14.62 2.11 42.14
CA ILE B 122 -14.37 0.67 42.04
C ILE B 122 -15.77 0.12 42.39
N ARG B 123 -16.47 -0.33 41.34
CA ARG B 123 -17.83 -0.89 41.45
C ARG B 123 -17.69 -2.41 41.34
N PHE B 124 -17.44 -3.05 42.48
CA PHE B 124 -17.03 -4.46 42.49
C PHE B 124 -18.09 -5.35 41.85
N GLY B 125 -17.75 -6.61 41.62
CA GLY B 125 -18.73 -7.68 41.59
C GLY B 125 -19.47 -7.75 40.28
N ARG B 126 -20.69 -8.28 40.33
CA ARG B 126 -21.40 -8.68 39.11
C ARG B 126 -22.50 -7.68 38.77
N MET B 127 -22.80 -7.54 37.49
CA MET B 127 -23.62 -6.44 37.00
C MET B 127 -25.10 -6.79 36.81
N PRO B 128 -26.00 -6.02 37.45
CA PRO B 128 -27.46 -6.24 37.37
C PRO B 128 -28.11 -6.20 35.97
N GLN B 129 -28.48 -5.01 35.50
CA GLN B 129 -29.12 -4.90 34.18
C GLN B 129 -28.10 -4.61 33.09
N ALA B 130 -27.33 -5.62 32.73
CA ALA B 130 -26.33 -5.49 31.69
C ALA B 130 -27.01 -5.25 30.34
N GLU B 131 -28.30 -4.89 30.39
CA GLU B 131 -29.05 -4.63 29.16
C GLU B 131 -29.33 -3.14 28.99
N LYS B 132 -29.56 -2.45 30.10
CA LYS B 132 -29.79 -1.02 30.05
C LYS B 132 -28.58 -0.45 29.33
N GLU B 133 -27.43 -1.06 29.60
CA GLU B 133 -26.16 -0.66 29.03
C GLU B 133 -25.90 -1.47 27.76
N LYS B 134 -26.73 -2.49 27.52
CA LYS B 134 -26.59 -3.32 26.34
C LYS B 134 -27.38 -2.68 25.22
N LEU B 135 -27.73 -1.41 25.40
CA LEU B 135 -28.45 -0.66 24.38
C LEU B 135 -27.44 -0.40 23.26
N LEU B 136 -26.73 -1.47 22.89
CA LEU B 136 -25.69 -1.41 21.87
C LEU B 136 -24.66 -0.41 22.36
N ALA B 137 -24.34 -0.51 23.65
CA ALA B 137 -23.39 0.36 24.34
C ALA B 137 -23.98 1.76 24.40
N GLU B 138 -24.36 2.28 23.23
CA GLU B 138 -24.96 3.59 23.09
C GLU B 138 -25.69 3.61 21.75
N ILE B 139 -26.94 3.16 21.75
CA ILE B 139 -27.72 3.15 20.51
C ILE B 139 -27.94 4.58 20.02
N SER B 140 -27.11 5.50 20.50
CA SER B 140 -27.15 6.92 20.14
C SER B 140 -26.60 7.12 18.74
N SER B 141 -26.29 6.00 18.08
CA SER B 141 -25.75 6.02 16.72
C SER B 141 -26.42 4.91 15.91
N ASP B 142 -26.50 3.73 16.52
CA ASP B 142 -27.10 2.56 15.89
C ASP B 142 -28.42 2.86 15.19
N ILE B 143 -29.03 3.97 15.56
CA ILE B 143 -30.29 4.39 14.97
C ILE B 143 -30.27 5.89 14.72
N ASP B 144 -29.27 6.58 15.29
CA ASP B 144 -29.12 8.02 15.13
C ASP B 144 -27.97 8.39 14.20
N GLN B 145 -26.84 7.69 14.32
CA GLN B 145 -25.69 7.95 13.46
C GLN B 145 -25.74 7.09 12.21
N LEU B 146 -26.31 5.90 12.35
CA LEU B 146 -26.45 4.99 11.22
C LEU B 146 -27.66 5.41 10.40
N ASN B 147 -27.48 6.48 9.64
CA ASN B 147 -28.52 7.04 8.79
C ASN B 147 -28.06 8.39 8.21
N PRO B 148 -28.71 8.84 7.12
CA PRO B 148 -29.82 8.19 6.44
C PRO B 148 -29.52 6.74 6.04
N GLU B 149 -28.59 6.56 5.11
CA GLU B 149 -28.22 5.23 4.66
C GLU B 149 -26.83 4.85 5.17
N SER B 150 -26.35 5.60 6.16
CA SER B 150 -25.04 5.36 6.75
C SER B 150 -25.10 4.13 7.64
N ALA B 151 -25.97 3.18 7.29
CA ALA B 151 -26.14 1.96 8.05
C ALA B 151 -25.98 0.76 7.11
N ASP B 152 -26.25 0.99 5.84
CA ASP B 152 -26.11 -0.05 4.83
C ASP B 152 -24.61 -0.20 4.62
N LEU B 153 -23.92 0.94 4.66
CA LEU B 153 -22.48 0.99 4.51
C LEU B 153 -21.88 0.18 5.67
N ARG B 154 -22.33 0.48 6.88
CA ARG B 154 -21.86 -0.21 8.07
C ARG B 154 -22.33 -1.66 8.09
N ALA B 155 -23.22 -2.00 7.17
CA ALA B 155 -23.75 -3.36 7.06
C ALA B 155 -22.99 -4.09 5.95
N LEU B 156 -22.71 -3.36 4.87
CA LEU B 156 -21.99 -3.89 3.73
C LEU B 156 -20.58 -4.26 4.19
N ALA B 157 -19.99 -3.34 4.97
CA ALA B 157 -18.66 -3.57 5.50
C ALA B 157 -18.73 -4.88 6.23
N LYS B 158 -19.57 -4.92 7.27
CA LYS B 158 -19.75 -6.12 8.06
C LYS B 158 -19.98 -7.33 7.16
N HIS B 159 -20.86 -7.19 6.17
CA HIS B 159 -21.13 -8.30 5.26
C HIS B 159 -19.84 -8.77 4.59
N LEU B 160 -19.13 -7.82 3.99
CA LEU B 160 -17.88 -8.12 3.32
C LEU B 160 -16.89 -8.74 4.31
N TYR B 161 -16.68 -8.03 5.43
CA TYR B 161 -15.76 -8.52 6.45
C TYR B 161 -16.04 -9.98 6.79
N ASP B 162 -17.31 -10.29 7.02
CA ASP B 162 -17.72 -11.65 7.37
C ASP B 162 -17.43 -12.60 6.22
N SER B 163 -17.82 -12.17 5.02
CA SER B 163 -17.60 -12.97 3.83
C SER B 163 -16.11 -13.18 3.67
N TYR B 164 -15.36 -12.14 4.03
CA TYR B 164 -13.90 -12.17 3.93
C TYR B 164 -13.36 -13.22 4.88
N ILE B 165 -13.86 -13.21 6.11
CA ILE B 165 -13.42 -14.16 7.12
C ILE B 165 -13.54 -15.60 6.66
N LYS B 166 -14.65 -15.92 5.99
CA LYS B 166 -14.89 -17.28 5.54
C LYS B 166 -14.06 -17.73 4.34
N SER B 167 -13.88 -16.84 3.38
CA SER B 167 -13.13 -17.14 2.16
C SER B 167 -11.62 -17.36 2.38
N PHE B 168 -11.03 -16.55 3.25
CA PHE B 168 -9.59 -16.61 3.52
C PHE B 168 -9.18 -17.29 4.83
N PRO B 169 -8.51 -18.43 4.73
CA PRO B 169 -8.05 -19.19 5.90
C PRO B 169 -7.20 -18.38 6.87
N LEU B 170 -6.14 -17.78 6.37
CA LEU B 170 -5.24 -17.00 7.21
C LEU B 170 -5.35 -15.49 7.06
N THR B 171 -6.18 -14.84 7.87
CA THR B 171 -6.31 -13.38 7.77
C THR B 171 -5.04 -12.67 8.21
N LYS B 172 -5.14 -11.36 8.33
CA LYS B 172 -4.00 -10.57 8.72
C LYS B 172 -3.82 -10.63 10.20
N ALA B 173 -4.93 -10.86 10.91
CA ALA B 173 -4.89 -10.94 12.37
C ALA B 173 -4.08 -12.14 12.84
N LYS B 174 -4.34 -13.32 12.31
CA LYS B 174 -3.58 -14.47 12.73
C LYS B 174 -2.13 -14.23 12.34
N ALA B 175 -1.95 -13.59 11.19
CA ALA B 175 -0.60 -13.30 10.69
C ALA B 175 0.16 -12.42 11.67
N ARG B 176 -0.35 -11.23 11.95
CA ARG B 176 0.32 -10.33 12.86
C ARG B 176 0.44 -10.94 14.22
N ALA B 177 -0.38 -11.94 14.49
CA ALA B 177 -0.36 -12.62 15.79
C ALA B 177 0.94 -13.41 15.85
N ILE B 178 1.09 -14.29 14.88
CA ILE B 178 2.26 -15.12 14.76
C ILE B 178 3.54 -14.31 14.79
N LEU B 179 3.63 -13.34 13.88
CA LEU B 179 4.80 -12.48 13.75
C LEU B 179 5.23 -11.79 15.03
N THR B 180 4.28 -11.36 15.85
CA THR B 180 4.66 -10.67 17.08
C THR B 180 4.84 -11.61 18.27
N GLY B 181 4.62 -12.90 18.05
CA GLY B 181 4.77 -13.85 19.13
C GLY B 181 3.62 -13.81 20.14
N LYS B 182 2.81 -12.76 20.10
CA LYS B 182 1.68 -12.63 21.01
C LYS B 182 0.60 -13.61 20.56
N THR B 183 1.04 -14.82 20.19
CA THR B 183 0.13 -15.86 19.77
C THR B 183 0.17 -16.96 20.84
N THR B 184 0.00 -18.21 20.42
CA THR B 184 0.01 -19.32 21.36
C THR B 184 0.59 -20.58 20.73
N ASP B 185 0.71 -20.59 19.40
CA ASP B 185 1.23 -21.74 18.67
C ASP B 185 2.75 -21.84 18.56
N LYS B 186 3.24 -22.99 18.12
CA LYS B 186 4.67 -23.25 17.97
C LYS B 186 5.29 -22.23 17.03
N SER B 187 6.43 -21.68 17.43
CA SER B 187 7.11 -20.71 16.60
C SER B 187 7.29 -21.30 15.21
N PRO B 188 7.19 -20.46 14.19
CA PRO B 188 7.33 -20.89 12.81
C PRO B 188 8.71 -21.41 12.52
N PHE B 189 8.81 -22.48 11.77
CA PHE B 189 10.13 -22.98 11.43
C PHE B 189 10.64 -21.94 10.45
N VAL B 190 11.94 -21.68 10.46
CA VAL B 190 12.53 -20.67 9.60
C VAL B 190 13.40 -21.25 8.50
N ILE B 191 13.24 -20.75 7.29
CA ILE B 191 14.06 -21.20 6.19
C ILE B 191 15.06 -20.10 5.84
N TYR B 192 16.27 -20.23 6.36
CA TYR B 192 17.30 -19.22 6.13
C TYR B 192 18.52 -19.71 5.35
N ASP B 193 18.87 -20.98 5.47
CA ASP B 193 20.01 -21.50 4.73
C ASP B 193 19.46 -22.17 3.49
N MET B 194 20.37 -22.78 2.76
CA MET B 194 20.02 -23.55 1.58
C MET B 194 19.87 -24.91 2.30
N ASN B 195 20.43 -24.94 3.52
CA ASN B 195 20.39 -26.11 4.39
C ASN B 195 19.05 -26.10 5.10
N SER B 196 18.70 -24.95 5.67
CA SER B 196 17.43 -24.79 6.38
C SER B 196 16.32 -25.23 5.44
N LEU B 197 16.56 -24.98 4.16
CA LEU B 197 15.59 -25.35 3.14
C LEU B 197 15.45 -26.85 3.14
N MET B 198 16.58 -27.55 3.09
CA MET B 198 16.58 -29.01 3.09
C MET B 198 15.52 -29.50 4.07
N MET B 199 15.57 -28.98 5.29
CA MET B 199 14.59 -29.33 6.30
C MET B 199 13.32 -28.51 5.99
N GLY B 200 12.76 -28.66 4.78
CA GLY B 200 11.58 -27.89 4.40
C GLY B 200 10.36 -28.61 3.83
N GLU B 201 9.45 -28.98 4.73
CA GLU B 201 8.21 -29.68 4.37
C GLU B 201 6.98 -28.97 4.92
N ASP B 202 6.26 -28.31 4.02
CA ASP B 202 5.05 -27.57 4.35
C ASP B 202 3.92 -28.04 3.44
N LYS B 203 2.76 -28.22 4.03
CA LYS B 203 1.59 -28.70 3.33
C LYS B 203 0.93 -27.69 2.41
N ILE B 204 1.37 -27.65 1.15
CA ILE B 204 0.77 -26.75 0.17
C ILE B 204 -0.50 -27.47 -0.27
N LYS B 205 -1.65 -26.87 0.06
CA LYS B 205 -2.96 -27.43 -0.26
C LYS B 205 -3.02 -28.26 -1.54
N PHE B 206 -3.07 -29.58 -1.38
CA PHE B 206 -3.18 -30.51 -2.50
C PHE B 206 -1.91 -30.57 -3.35
N GLU B 218 15.51 -28.34 -9.74
CA GLU B 218 16.37 -27.29 -9.20
C GLU B 218 15.85 -26.83 -7.84
N VAL B 219 16.43 -25.76 -7.29
CA VAL B 219 16.02 -25.25 -5.97
C VAL B 219 15.20 -23.98 -6.08
N ALA B 220 15.66 -23.07 -6.93
CA ALA B 220 14.96 -21.82 -7.13
C ALA B 220 13.62 -22.21 -7.74
N ILE B 221 13.67 -22.88 -8.88
CA ILE B 221 12.48 -23.32 -9.59
C ILE B 221 11.55 -24.07 -8.65
N ARG B 222 12.13 -24.74 -7.66
CA ARG B 222 11.32 -25.45 -6.69
C ARG B 222 10.57 -24.45 -5.83
N ILE B 223 11.27 -23.44 -5.29
CA ILE B 223 10.63 -22.45 -4.45
C ILE B 223 9.53 -21.73 -5.23
N PHE B 224 9.91 -21.17 -6.39
CA PHE B 224 8.99 -20.45 -7.27
C PHE B 224 7.69 -21.25 -7.43
N GLN B 225 7.84 -22.54 -7.73
CA GLN B 225 6.69 -23.42 -7.89
C GLN B 225 5.80 -23.36 -6.66
N GLY B 226 6.42 -23.38 -5.49
CA GLY B 226 5.65 -23.32 -4.26
C GLY B 226 4.77 -22.09 -4.33
N CYS B 227 5.34 -21.02 -4.86
CA CYS B 227 4.62 -19.77 -5.02
C CYS B 227 3.46 -20.03 -5.97
N GLN B 228 3.78 -20.53 -7.16
CA GLN B 228 2.78 -20.86 -8.16
C GLN B 228 1.56 -21.42 -7.45
N PHE B 229 1.78 -22.54 -6.77
CA PHE B 229 0.71 -23.19 -6.04
C PHE B 229 -0.14 -22.21 -5.24
N ARG B 230 0.37 -21.69 -4.13
CA ARG B 230 -0.42 -20.75 -3.34
C ARG B 230 -1.13 -19.73 -4.20
N SER B 231 -0.44 -19.21 -5.21
CA SER B 231 -1.02 -18.20 -6.08
C SER B 231 -2.30 -18.73 -6.69
N VAL B 232 -2.23 -19.95 -7.20
CA VAL B 232 -3.39 -20.60 -7.79
C VAL B 232 -4.41 -20.81 -6.70
N GLU B 233 -3.98 -21.49 -5.65
CA GLU B 233 -4.84 -21.74 -4.51
C GLU B 233 -5.65 -20.50 -4.14
N ALA B 234 -5.01 -19.34 -4.12
CA ALA B 234 -5.66 -18.08 -3.76
C ALA B 234 -6.49 -17.46 -4.89
N VAL B 235 -6.15 -17.75 -6.13
CA VAL B 235 -6.90 -17.24 -7.25
C VAL B 235 -8.27 -17.86 -7.08
N GLN B 236 -8.33 -18.94 -6.31
CA GLN B 236 -9.58 -19.60 -6.05
C GLN B 236 -10.27 -18.93 -4.88
N GLU B 237 -9.60 -18.89 -3.73
CA GLU B 237 -10.18 -18.26 -2.55
C GLU B 237 -10.74 -16.89 -2.88
N ILE B 238 -9.99 -16.14 -3.69
CA ILE B 238 -10.43 -14.82 -4.10
C ILE B 238 -11.70 -14.94 -4.93
N THR B 239 -11.71 -15.88 -5.87
CA THR B 239 -12.86 -16.09 -6.73
C THR B 239 -14.13 -16.14 -5.88
N GLU B 240 -14.13 -17.02 -4.87
CA GLU B 240 -15.29 -17.14 -3.99
C GLU B 240 -15.67 -15.78 -3.41
N TYR B 241 -14.75 -15.15 -2.70
CA TYR B 241 -15.01 -13.84 -2.13
C TYR B 241 -15.72 -12.92 -3.13
N ALA B 242 -15.34 -13.04 -4.39
CA ALA B 242 -15.91 -12.23 -5.46
C ALA B 242 -17.40 -12.52 -5.55
N LYS B 243 -17.73 -13.79 -5.75
CA LYS B 243 -19.13 -14.18 -5.85
C LYS B 243 -19.92 -13.47 -4.77
N SER B 244 -19.35 -13.42 -3.57
CA SER B 244 -19.99 -12.78 -2.43
C SER B 244 -20.12 -11.26 -2.50
N ILE B 245 -19.57 -10.63 -3.53
CA ILE B 245 -19.71 -9.18 -3.60
C ILE B 245 -21.08 -8.90 -4.19
N PRO B 246 -21.87 -8.03 -3.53
CA PRO B 246 -23.22 -7.63 -3.94
C PRO B 246 -23.40 -7.15 -5.39
N GLY B 247 -23.95 -8.03 -6.22
CA GLY B 247 -24.19 -7.67 -7.61
C GLY B 247 -23.13 -8.14 -8.57
N PHE B 248 -22.16 -8.89 -8.06
CA PHE B 248 -21.07 -9.40 -8.90
C PHE B 248 -21.55 -10.54 -9.77
N VAL B 249 -22.08 -11.56 -9.10
CA VAL B 249 -22.60 -12.74 -9.78
C VAL B 249 -23.64 -12.36 -10.82
N ASN B 250 -24.01 -11.08 -10.84
CA ASN B 250 -24.98 -10.58 -11.79
C ASN B 250 -24.40 -10.11 -13.13
N LEU B 251 -23.44 -9.19 -13.06
CA LEU B 251 -22.94 -8.52 -14.25
C LEU B 251 -22.61 -9.56 -15.31
N ASP B 252 -22.57 -9.13 -16.57
CA ASP B 252 -22.24 -10.03 -17.68
C ASP B 252 -21.07 -10.94 -17.33
N LEU B 253 -21.32 -12.24 -17.34
CA LEU B 253 -20.29 -13.22 -17.02
C LEU B 253 -18.98 -12.88 -17.72
N ASN B 254 -19.08 -12.41 -18.95
CA ASN B 254 -17.89 -12.06 -19.70
C ASN B 254 -17.06 -11.05 -18.94
N ASP B 255 -17.71 -10.05 -18.37
CA ASP B 255 -16.97 -9.06 -17.62
C ASP B 255 -16.53 -9.62 -16.28
N GLN B 256 -17.44 -10.28 -15.56
CA GLN B 256 -17.11 -10.89 -14.26
C GLN B 256 -15.70 -11.47 -14.33
N VAL B 257 -15.50 -12.36 -15.30
CA VAL B 257 -14.23 -13.00 -15.55
C VAL B 257 -13.16 -11.94 -15.76
N THR B 258 -13.37 -11.08 -16.74
CA THR B 258 -12.40 -10.05 -17.04
C THR B 258 -11.96 -9.31 -15.77
N LEU B 259 -12.90 -9.10 -14.85
CA LEU B 259 -12.60 -8.41 -13.60
C LEU B 259 -11.72 -9.24 -12.67
N LEU B 260 -11.71 -10.56 -12.84
CA LEU B 260 -10.86 -11.37 -12.00
C LEU B 260 -9.55 -11.48 -12.72
N LYS B 261 -9.64 -11.72 -14.03
CA LYS B 261 -8.44 -11.86 -14.84
C LYS B 261 -7.43 -10.80 -14.45
N TYR B 262 -7.92 -9.63 -14.04
CA TYR B 262 -7.02 -8.55 -13.66
C TYR B 262 -6.96 -8.34 -12.15
N GLY B 263 -8.09 -8.48 -11.48
CA GLY B 263 -8.13 -8.27 -10.05
C GLY B 263 -7.20 -9.16 -9.23
N VAL B 264 -7.23 -10.45 -9.53
CA VAL B 264 -6.40 -11.39 -8.80
C VAL B 264 -5.02 -10.81 -8.48
N HIS B 265 -4.24 -10.51 -9.52
CA HIS B 265 -2.91 -9.95 -9.31
C HIS B 265 -2.92 -8.94 -8.20
N GLU B 266 -3.39 -7.74 -8.52
CA GLU B 266 -3.45 -6.69 -7.53
C GLU B 266 -3.90 -7.16 -6.13
N ILE B 267 -4.83 -8.11 -6.06
CA ILE B 267 -5.30 -8.61 -4.75
C ILE B 267 -4.20 -9.39 -4.01
N ILE B 268 -3.55 -10.30 -4.72
CA ILE B 268 -2.48 -11.11 -4.16
C ILE B 268 -1.51 -10.27 -3.33
N TYR B 269 -0.72 -9.44 -4.00
CA TYR B 269 0.23 -8.59 -3.29
C TYR B 269 -0.38 -8.15 -1.98
N THR B 270 -1.47 -7.42 -2.10
CA THR B 270 -2.19 -6.92 -0.94
C THR B 270 -2.22 -8.01 0.14
N MET B 271 -2.78 -9.17 -0.22
CA MET B 271 -2.88 -10.30 0.69
C MET B 271 -1.49 -10.60 1.26
N LEU B 272 -0.58 -10.93 0.36
CA LEU B 272 0.79 -11.29 0.64
C LEU B 272 1.64 -10.24 1.39
N ALA B 273 1.03 -9.12 1.76
CA ALA B 273 1.75 -8.07 2.47
C ALA B 273 1.39 -8.13 3.94
N SER B 274 0.56 -9.09 4.30
CA SER B 274 0.21 -9.24 5.70
C SER B 274 1.14 -10.35 6.18
N LEU B 275 1.40 -11.26 5.26
CA LEU B 275 2.27 -12.38 5.53
C LEU B 275 3.69 -11.89 5.55
N MET B 276 3.90 -10.71 4.99
CA MET B 276 5.23 -10.18 4.90
C MET B 276 5.60 -9.17 5.96
N ASN B 277 6.91 -8.97 6.12
CA ASN B 277 7.45 -7.99 7.03
C ASN B 277 8.90 -7.71 6.65
N LYS B 278 9.40 -6.54 7.00
CA LYS B 278 10.76 -6.13 6.69
C LYS B 278 11.78 -7.24 6.45
N ASP B 279 11.74 -8.30 7.26
CA ASP B 279 12.71 -9.40 7.16
C ASP B 279 12.36 -10.70 6.44
N GLY B 280 11.09 -10.91 6.13
CA GLY B 280 10.73 -12.15 5.45
C GLY B 280 9.24 -12.27 5.22
N VAL B 281 8.83 -13.42 4.70
CA VAL B 281 7.43 -13.68 4.43
C VAL B 281 7.02 -14.97 5.10
N LEU B 282 5.73 -15.12 5.40
CA LEU B 282 5.21 -16.33 6.05
C LEU B 282 4.85 -17.35 5.01
N ILE B 283 5.15 -18.62 5.25
CA ILE B 283 4.79 -19.64 4.29
C ILE B 283 3.97 -20.75 4.95
N SER B 284 3.27 -21.53 4.15
CA SER B 284 2.47 -22.63 4.66
C SER B 284 1.58 -22.25 5.83
N GLU B 285 0.41 -21.70 5.53
CA GLU B 285 -0.55 -21.28 6.54
C GLU B 285 0.10 -20.54 7.68
N GLY B 286 1.31 -20.02 7.44
CA GLY B 286 2.02 -19.29 8.47
C GLY B 286 2.73 -20.14 9.52
N GLN B 287 3.01 -21.36 9.14
CA GLN B 287 3.68 -22.30 10.00
C GLN B 287 5.17 -22.16 9.73
N GLY B 288 5.49 -21.61 8.56
CA GLY B 288 6.87 -21.40 8.17
C GLY B 288 7.16 -19.94 7.87
N PHE B 289 8.44 -19.59 7.90
CA PHE B 289 8.87 -18.22 7.65
C PHE B 289 10.14 -18.22 6.83
N MET B 290 10.08 -17.62 5.63
CA MET B 290 11.25 -17.53 4.77
C MET B 290 11.86 -16.13 4.80
N THR B 291 13.16 -16.05 5.06
CA THR B 291 13.86 -14.76 5.15
C THR B 291 14.03 -14.00 3.85
N ARG B 292 13.80 -12.69 3.89
CA ARG B 292 13.92 -11.84 2.73
C ARG B 292 15.32 -11.91 2.13
N GLU B 293 16.28 -12.32 2.95
CA GLU B 293 17.66 -12.43 2.50
C GLU B 293 17.93 -13.71 1.71
N PHE B 294 17.30 -14.81 2.14
CA PHE B 294 17.49 -16.08 1.44
C PHE B 294 17.00 -15.91 0.02
N LEU B 295 15.76 -15.46 -0.12
CA LEU B 295 15.15 -15.24 -1.44
C LEU B 295 15.98 -14.32 -2.30
N LYS B 296 16.49 -13.26 -1.68
CA LYS B 296 17.30 -12.28 -2.39
C LYS B 296 18.58 -12.90 -2.91
N SER B 297 18.85 -14.14 -2.52
CA SER B 297 20.08 -14.82 -2.93
C SER B 297 19.88 -16.05 -3.80
N LEU B 298 19.02 -15.97 -4.80
CA LEU B 298 18.81 -17.12 -5.66
C LEU B 298 19.42 -16.92 -7.04
N ARG B 299 19.28 -17.90 -7.91
CA ARG B 299 19.83 -17.85 -9.26
C ARG B 299 19.40 -16.65 -10.10
N LYS B 300 20.40 -15.93 -10.60
CA LYS B 300 20.23 -14.75 -11.44
C LYS B 300 18.82 -14.19 -11.59
N PRO B 301 17.96 -14.82 -12.41
CA PRO B 301 16.62 -14.23 -12.51
C PRO B 301 15.78 -14.31 -11.23
N PHE B 302 15.68 -15.51 -10.68
CA PHE B 302 14.90 -15.78 -9.48
C PHE B 302 15.18 -14.94 -8.23
N GLY B 303 16.39 -14.43 -8.09
CA GLY B 303 16.71 -13.65 -6.90
C GLY B 303 16.01 -12.31 -6.73
N ASP B 304 15.36 -11.84 -7.79
CA ASP B 304 14.67 -10.57 -7.76
C ASP B 304 13.15 -10.70 -7.66
N PHE B 305 12.61 -11.77 -8.21
CA PHE B 305 11.16 -12.03 -8.19
C PHE B 305 10.47 -11.44 -6.97
N MET B 306 10.88 -11.91 -5.80
CA MET B 306 10.27 -11.53 -4.53
C MET B 306 10.54 -10.11 -3.97
N GLU B 307 11.62 -9.45 -4.42
CA GLU B 307 11.93 -8.12 -3.90
C GLU B 307 10.82 -7.08 -4.07
N PRO B 308 10.43 -6.79 -5.33
CA PRO B 308 9.37 -5.79 -5.55
C PRO B 308 8.26 -5.94 -4.52
N LYS B 309 7.79 -7.17 -4.37
CA LYS B 309 6.73 -7.47 -3.42
C LYS B 309 7.10 -6.98 -2.00
N PHE B 310 8.28 -7.34 -1.51
CA PHE B 310 8.72 -6.90 -0.20
C PHE B 310 8.73 -5.39 -0.13
N GLU B 311 9.13 -4.77 -1.23
CA GLU B 311 9.19 -3.33 -1.30
C GLU B 311 7.78 -2.79 -1.09
N PHE B 312 6.85 -3.23 -1.92
CA PHE B 312 5.49 -2.76 -1.82
C PHE B 312 4.99 -3.01 -0.42
N ALA B 313 5.29 -4.21 0.09
CA ALA B 313 4.85 -4.63 1.44
C ALA B 313 5.15 -3.58 2.51
N VAL B 314 6.42 -3.29 2.73
CA VAL B 314 6.84 -2.29 3.72
C VAL B 314 6.01 -0.99 3.62
N LYS B 315 5.97 -0.40 2.44
CA LYS B 315 5.21 0.83 2.24
C LYS B 315 3.73 0.68 2.63
N PHE B 316 3.08 -0.35 2.08
CA PHE B 316 1.66 -0.59 2.34
C PHE B 316 1.30 -0.76 3.81
N ASN B 317 2.10 -1.53 4.52
CA ASN B 317 1.85 -1.80 5.92
C ASN B 317 1.99 -0.57 6.78
N ALA B 318 2.75 0.41 6.31
CA ALA B 318 2.92 1.62 7.10
C ALA B 318 1.54 2.15 7.45
N LEU B 319 0.57 1.82 6.61
CA LEU B 319 -0.83 2.25 6.79
C LEU B 319 -1.55 1.69 8.01
N GLU B 320 -1.08 0.53 8.49
CA GLU B 320 -1.65 -0.13 9.66
C GLU B 320 -3.14 -0.43 9.55
N LEU B 321 -3.57 -0.98 8.42
CA LEU B 321 -4.98 -1.31 8.21
C LEU B 321 -5.26 -2.67 8.83
N ASP B 322 -6.51 -2.93 9.19
CA ASP B 322 -6.88 -4.23 9.75
C ASP B 322 -7.77 -4.96 8.75
N ASP B 323 -8.09 -6.21 9.05
CA ASP B 323 -8.92 -7.02 8.15
C ASP B 323 -10.22 -6.33 7.81
N SER B 324 -10.80 -5.64 8.80
CA SER B 324 -12.04 -4.92 8.61
C SER B 324 -11.95 -4.02 7.38
N ASP B 325 -10.74 -3.62 7.03
CA ASP B 325 -10.53 -2.74 5.89
C ASP B 325 -10.10 -3.43 4.61
N LEU B 326 -9.20 -4.40 4.72
CA LEU B 326 -8.74 -5.11 3.53
C LEU B 326 -9.91 -5.84 2.89
N ALA B 327 -10.97 -6.01 3.65
CA ALA B 327 -12.14 -6.69 3.14
C ALA B 327 -12.85 -5.78 2.14
N ILE B 328 -12.94 -4.50 2.49
CA ILE B 328 -13.59 -3.55 1.60
C ILE B 328 -12.67 -3.12 0.47
N PHE B 329 -11.41 -2.86 0.79
CA PHE B 329 -10.41 -2.46 -0.21
C PHE B 329 -10.24 -3.54 -1.25
N ILE B 330 -10.13 -4.79 -0.80
CA ILE B 330 -9.97 -5.90 -1.74
C ILE B 330 -11.07 -5.84 -2.80
N ALA B 331 -12.30 -5.61 -2.34
CA ALA B 331 -13.46 -5.53 -3.24
C ALA B 331 -13.27 -4.38 -4.23
N VAL B 332 -12.94 -3.20 -3.70
CA VAL B 332 -12.74 -2.00 -4.49
C VAL B 332 -11.76 -2.24 -5.63
N ILE B 333 -10.91 -3.25 -5.49
CA ILE B 333 -9.94 -3.55 -6.54
C ILE B 333 -10.57 -4.29 -7.69
N ILE B 334 -11.34 -5.33 -7.38
CA ILE B 334 -11.99 -6.12 -8.41
C ILE B 334 -12.93 -5.26 -9.25
N LEU B 335 -13.92 -4.68 -8.57
CA LEU B 335 -14.91 -3.85 -9.23
C LEU B 335 -14.34 -2.53 -9.69
N SER B 336 -13.62 -2.55 -10.81
CA SER B 336 -13.01 -1.34 -11.36
C SER B 336 -13.45 -1.15 -12.82
N GLY B 337 -13.88 0.05 -13.16
CA GLY B 337 -14.33 0.28 -14.51
C GLY B 337 -13.26 0.71 -15.50
N ASP B 338 -11.98 0.56 -15.14
CA ASP B 338 -10.92 0.96 -16.06
C ASP B 338 -10.07 -0.19 -16.58
N ARG B 339 -10.60 -1.41 -16.50
CA ARG B 339 -9.92 -2.59 -16.98
C ARG B 339 -10.13 -2.68 -18.48
N PRO B 340 -9.10 -3.15 -19.22
CA PRO B 340 -9.15 -3.29 -20.67
C PRO B 340 -9.98 -4.48 -21.13
N GLY B 341 -10.98 -4.21 -21.95
CA GLY B 341 -11.81 -5.27 -22.44
C GLY B 341 -13.03 -5.49 -21.57
N LEU B 342 -13.77 -4.42 -21.29
CA LEU B 342 -14.97 -4.54 -20.48
C LEU B 342 -16.15 -4.16 -21.35
N LEU B 343 -17.31 -4.75 -21.06
CA LEU B 343 -18.51 -4.48 -21.84
C LEU B 343 -19.39 -3.44 -21.15
N ASN B 344 -20.42 -3.91 -20.46
CA ASN B 344 -21.29 -2.98 -19.75
C ASN B 344 -20.55 -2.52 -18.51
N VAL B 345 -20.26 -1.22 -18.45
CA VAL B 345 -19.51 -0.64 -17.35
C VAL B 345 -20.30 0.12 -16.27
N LYS B 346 -21.38 0.79 -16.65
CA LYS B 346 -22.16 1.54 -15.67
C LYS B 346 -22.46 0.76 -14.40
N PRO B 347 -22.84 -0.51 -14.53
CA PRO B 347 -23.16 -1.37 -13.38
C PRO B 347 -21.96 -1.70 -12.49
N ILE B 348 -20.77 -1.73 -13.08
CA ILE B 348 -19.57 -2.02 -12.33
C ILE B 348 -19.25 -0.76 -11.52
N GLU B 349 -19.11 0.36 -12.22
CA GLU B 349 -18.83 1.64 -11.59
C GLU B 349 -19.82 1.78 -10.45
N ASP B 350 -21.07 1.47 -10.76
CA ASP B 350 -22.20 1.52 -9.83
C ASP B 350 -21.90 0.97 -8.45
N ILE B 351 -21.41 -0.26 -8.41
CA ILE B 351 -21.09 -0.90 -7.14
C ILE B 351 -19.88 -0.25 -6.48
N GLN B 352 -18.79 -0.16 -7.24
CA GLN B 352 -17.54 0.44 -6.74
C GLN B 352 -17.81 1.71 -5.94
N ASP B 353 -18.62 2.60 -6.48
CA ASP B 353 -18.94 3.85 -5.79
C ASP B 353 -19.46 3.54 -4.41
N ASN B 354 -20.42 2.64 -4.34
CA ASN B 354 -21.02 2.26 -3.06
C ASN B 354 -19.94 1.81 -2.08
N LEU B 355 -19.21 0.76 -2.48
CA LEU B 355 -18.14 0.22 -1.66
C LEU B 355 -17.18 1.30 -1.21
N LEU B 356 -16.79 2.16 -2.13
CA LEU B 356 -15.88 3.22 -1.78
C LEU B 356 -16.52 4.03 -0.66
N GLN B 357 -17.77 4.42 -0.88
CA GLN B 357 -18.51 5.19 0.11
C GLN B 357 -18.45 4.43 1.43
N ALA B 358 -18.50 3.10 1.33
CA ALA B 358 -18.45 2.24 2.50
C ALA B 358 -17.10 2.35 3.15
N LEU B 359 -16.08 2.10 2.32
CA LEU B 359 -14.69 2.14 2.74
C LEU B 359 -14.31 3.43 3.44
N GLU B 360 -14.56 4.56 2.80
CA GLU B 360 -14.20 5.83 3.42
C GLU B 360 -14.75 5.87 4.84
N LEU B 361 -16.04 5.59 4.97
CA LEU B 361 -16.66 5.60 6.29
C LEU B 361 -15.89 4.66 7.20
N GLN B 362 -15.81 3.39 6.78
CA GLN B 362 -15.11 2.38 7.52
C GLN B 362 -13.85 2.99 8.14
N LEU B 363 -12.98 3.54 7.31
CA LEU B 363 -11.76 4.16 7.82
C LEU B 363 -12.05 5.31 8.75
N LYS B 364 -12.58 6.38 8.18
CA LYS B 364 -12.92 7.58 8.94
C LYS B 364 -13.17 7.29 10.42
N LEU B 365 -13.84 6.19 10.71
CA LEU B 365 -14.13 5.83 12.11
C LEU B 365 -13.21 4.77 12.72
N ASN B 366 -12.93 3.71 11.97
CA ASN B 366 -12.06 2.64 12.48
C ASN B 366 -10.70 3.21 12.86
N HIS B 367 -10.15 4.08 12.01
CA HIS B 367 -8.86 4.74 12.25
C HIS B 367 -9.17 6.21 12.35
N PRO B 368 -9.79 6.65 13.46
CA PRO B 368 -10.13 8.06 13.63
C PRO B 368 -8.95 9.04 13.52
N GLU B 369 -7.92 8.83 14.33
CA GLU B 369 -6.74 9.68 14.36
C GLU B 369 -6.02 10.03 13.03
N SER B 370 -5.59 9.02 12.28
CA SER B 370 -4.89 9.25 11.02
C SER B 370 -5.64 10.22 10.11
N SER B 371 -4.94 10.79 9.13
CA SER B 371 -5.56 11.72 8.19
C SER B 371 -5.27 11.32 6.76
N GLN B 372 -6.19 11.66 5.86
CA GLN B 372 -6.06 11.34 4.44
C GLN B 372 -5.80 9.87 4.14
N LEU B 373 -5.79 9.03 5.17
CA LEU B 373 -5.56 7.59 5.00
C LEU B 373 -6.31 7.08 3.78
N PHE B 374 -7.60 7.35 3.74
CA PHE B 374 -8.43 6.94 2.62
C PHE B 374 -7.81 7.36 1.28
N ALA B 375 -7.52 8.64 1.14
CA ALA B 375 -6.91 9.12 -0.09
C ALA B 375 -5.62 8.34 -0.34
N LYS B 376 -4.86 8.16 0.73
CA LYS B 376 -3.60 7.43 0.71
C LYS B 376 -3.80 5.99 0.28
N LEU B 377 -4.72 5.31 0.95
CA LEU B 377 -5.01 3.93 0.62
C LEU B 377 -5.26 3.80 -0.87
N LEU B 378 -6.19 4.60 -1.40
CA LEU B 378 -6.51 4.56 -2.82
C LEU B 378 -5.23 4.68 -3.67
N GLN B 379 -4.32 5.54 -3.23
CA GLN B 379 -3.05 5.76 -3.92
C GLN B 379 -2.35 4.43 -4.25
N LYS B 380 -2.19 3.58 -3.25
CA LYS B 380 -1.53 2.31 -3.47
C LYS B 380 -2.03 1.62 -4.72
N MET B 381 -3.27 1.89 -5.09
CA MET B 381 -3.82 1.26 -6.26
C MET B 381 -3.02 1.60 -7.51
N THR B 382 -2.50 2.81 -7.59
CA THR B 382 -1.73 3.15 -8.77
C THR B 382 -0.39 2.43 -8.65
N ASP B 383 -0.03 2.07 -7.42
CA ASP B 383 1.24 1.37 -7.16
C ASP B 383 1.15 -0.10 -7.58
N LEU B 384 -0.02 -0.69 -7.35
CA LEU B 384 -0.23 -2.08 -7.70
C LEU B 384 -0.20 -2.29 -9.21
N ARG B 385 -0.65 -1.32 -9.98
CA ARG B 385 -0.59 -1.49 -11.42
C ARG B 385 0.88 -1.49 -11.80
N GLN B 386 1.59 -0.46 -11.35
CA GLN B 386 3.01 -0.33 -11.63
C GLN B 386 3.70 -1.68 -11.48
N ILE B 387 3.30 -2.44 -10.49
CA ILE B 387 3.91 -3.75 -10.28
C ILE B 387 3.45 -4.72 -11.33
N VAL B 388 2.17 -5.06 -11.32
CA VAL B 388 1.62 -6.02 -12.26
C VAL B 388 2.10 -5.84 -13.69
N THR B 389 2.06 -4.61 -14.19
CA THR B 389 2.52 -4.35 -15.53
C THR B 389 4.00 -4.75 -15.63
N GLU B 390 4.81 -4.31 -14.66
CA GLU B 390 6.22 -4.65 -14.67
C GLU B 390 6.46 -6.13 -14.42
N HIS B 391 5.89 -6.65 -13.34
CA HIS B 391 6.04 -8.06 -12.98
C HIS B 391 5.88 -8.90 -14.24
N VAL B 392 4.95 -8.51 -15.11
CA VAL B 392 4.72 -9.23 -16.35
C VAL B 392 5.93 -9.10 -17.26
N GLN B 393 6.45 -7.89 -17.41
CA GLN B 393 7.63 -7.66 -18.25
C GLN B 393 8.69 -8.72 -17.95
N LEU B 394 8.84 -9.05 -16.68
CA LEU B 394 9.83 -10.03 -16.25
C LEU B 394 9.41 -11.41 -16.76
N LEU B 395 8.14 -11.74 -16.58
CA LEU B 395 7.63 -13.04 -17.01
C LEU B 395 7.97 -13.26 -18.49
N GLN B 396 8.05 -12.17 -19.26
CA GLN B 396 8.37 -12.24 -20.68
C GLN B 396 9.83 -12.68 -20.85
N VAL B 397 10.73 -11.76 -20.50
CA VAL B 397 12.17 -11.97 -20.60
C VAL B 397 12.62 -13.28 -19.94
N ILE B 398 11.82 -13.78 -18.99
CA ILE B 398 12.13 -15.01 -18.29
C ILE B 398 11.82 -16.26 -19.10
N LYS B 399 10.59 -16.37 -19.59
CA LYS B 399 10.20 -17.53 -20.40
C LYS B 399 11.16 -17.65 -21.58
N LYS B 400 11.72 -16.52 -21.99
CA LYS B 400 12.68 -16.48 -23.09
C LYS B 400 14.03 -17.17 -22.87
N THR B 401 14.76 -16.69 -21.88
CA THR B 401 16.09 -17.20 -21.52
C THR B 401 15.95 -18.22 -20.40
N GLU B 402 15.06 -19.20 -20.59
CA GLU B 402 14.86 -20.23 -19.57
C GLU B 402 13.81 -21.29 -19.93
N THR B 403 14.12 -22.55 -19.64
CA THR B 403 13.23 -23.68 -19.92
C THR B 403 12.69 -24.25 -18.60
N ASP B 404 11.60 -25.01 -18.70
CA ASP B 404 10.95 -25.62 -17.54
C ASP B 404 10.00 -24.62 -16.91
N MET B 405 9.32 -23.85 -17.76
CA MET B 405 8.38 -22.85 -17.26
C MET B 405 7.48 -23.54 -16.25
N SER B 406 7.05 -24.74 -16.59
CA SER B 406 6.19 -25.53 -15.72
C SER B 406 5.11 -24.65 -15.08
N LEU B 407 4.50 -23.79 -15.90
CA LEU B 407 3.46 -22.89 -15.43
C LEU B 407 2.08 -23.53 -15.29
N HIS B 408 1.44 -23.29 -14.15
CA HIS B 408 0.12 -23.83 -13.89
C HIS B 408 -0.82 -23.20 -14.91
N PRO B 409 -1.78 -23.99 -15.42
CA PRO B 409 -2.75 -23.53 -16.42
C PRO B 409 -3.57 -22.31 -16.00
N LEU B 410 -4.10 -22.36 -14.78
CA LEU B 410 -4.90 -21.25 -14.26
C LEU B 410 -4.13 -19.95 -14.36
N LEU B 411 -2.87 -19.98 -13.97
CA LEU B 411 -2.04 -18.79 -14.03
C LEU B 411 -1.79 -18.52 -15.50
N GLN B 412 -1.52 -19.57 -16.27
CA GLN B 412 -1.28 -19.40 -17.69
C GLN B 412 -2.45 -18.63 -18.30
N GLU B 413 -3.64 -18.92 -17.78
CA GLU B 413 -4.88 -18.29 -18.23
C GLU B 413 -4.86 -16.79 -18.00
N ILE B 414 -4.66 -16.42 -16.74
CA ILE B 414 -4.66 -15.02 -16.31
C ILE B 414 -3.44 -14.21 -16.70
N TYR B 415 -2.38 -14.87 -17.15
CA TYR B 415 -1.18 -14.14 -17.53
C TYR B 415 -1.21 -13.87 -19.03
N LYS B 416 -1.81 -14.79 -19.77
CA LYS B 416 -1.87 -14.65 -21.22
C LYS B 416 -2.63 -13.39 -21.60
N ASP B 417 -1.92 -12.46 -22.23
CA ASP B 417 -2.49 -11.20 -22.69
C ASP B 417 -3.07 -10.21 -21.71
N LEU B 418 -2.23 -9.66 -20.86
CA LEU B 418 -2.67 -8.68 -19.88
C LEU B 418 -2.32 -7.25 -20.25
N TYR B 419 -1.62 -6.53 -19.38
CA TYR B 419 -1.25 -5.17 -19.73
C TYR B 419 -0.09 -5.27 -20.74
N LYS E 4 21.45 18.78 -16.65
CA LYS E 4 21.80 19.91 -17.55
C LYS E 4 20.58 20.71 -18.02
N ILE E 5 20.14 20.46 -19.26
CA ILE E 5 19.00 21.16 -19.83
C ILE E 5 17.90 21.44 -18.83
N LEU E 6 17.76 20.56 -17.84
CA LEU E 6 16.75 20.73 -16.81
C LEU E 6 17.38 21.46 -15.63
N HIS E 7 18.50 20.92 -15.13
CA HIS E 7 19.21 21.52 -14.00
C HIS E 7 19.49 22.98 -14.30
N ARG E 8 19.85 23.23 -15.56
CA ARG E 8 20.15 24.57 -16.03
C ARG E 8 18.90 25.40 -15.83
N LEU E 9 17.83 25.02 -16.52
CA LEU E 9 16.56 25.74 -16.45
C LEU E 9 16.03 25.82 -15.02
N LEU E 10 16.41 24.85 -14.19
CA LEU E 10 15.97 24.85 -12.80
C LEU E 10 17.07 25.44 -11.93
N GLN E 11 17.79 26.43 -12.44
CA GLN E 11 18.87 27.02 -11.66
C GLN E 11 18.49 28.35 -11.01
N ASP E 12 17.31 28.90 -11.36
CA ASP E 12 16.88 30.16 -10.75
C ASP E 12 15.53 30.08 -10.05
N LYS F 4 -11.17 -18.64 -19.34
CA LYS F 4 -12.04 -19.83 -19.64
C LYS F 4 -12.01 -20.91 -18.54
N ILE F 5 -10.87 -21.07 -17.88
CA ILE F 5 -10.78 -22.04 -16.79
C ILE F 5 -11.56 -21.43 -15.63
N LEU F 6 -11.48 -20.12 -15.52
CA LEU F 6 -12.17 -19.37 -14.48
C LEU F 6 -13.65 -19.70 -14.47
N HIS F 7 -14.23 -19.82 -15.66
CA HIS F 7 -15.64 -20.15 -15.81
C HIS F 7 -16.01 -21.28 -14.86
N ARG F 8 -15.20 -22.34 -14.89
CA ARG F 8 -15.44 -23.51 -14.05
C ARG F 8 -15.52 -23.14 -12.57
N LEU F 9 -15.06 -21.95 -12.22
CA LEU F 9 -15.08 -21.52 -10.83
C LEU F 9 -16.28 -20.67 -10.47
N LEU F 10 -16.58 -19.67 -11.31
CA LEU F 10 -17.71 -18.80 -11.05
C LEU F 10 -19.04 -19.43 -11.44
N GLN F 11 -18.98 -20.38 -12.38
CA GLN F 11 -20.17 -21.08 -12.86
C GLN F 11 -20.37 -22.40 -12.11
#